data_6WY9
#
_entry.id   6WY9
#
_cell.length_a   99.500
_cell.length_b   123.200
_cell.length_c   139.210
_cell.angle_alpha   90.000
_cell.angle_beta   90.000
_cell.angle_gamma   90.000
#
_symmetry.space_group_name_H-M   'I 21 21 21'
#
loop_
_entity.id
_entity.type
_entity.pdbx_description
1 polymer 'Acyl-CoA dehydrogenase domain protein Tcur3483'
2 polymer 'Acyl-CoA dehydrogenase domain protein Tcur3481'
3 non-polymer 'DIHYDROFLAVINE-ADENINE DINUCLEOTIDE'
4 non-polymer 'PENTAETHYLENE GLYCOL'
5 non-polymer GLYCEROL
6 non-polymer 'CHLORIDE ION'
7 water water
#
loop_
_entity_poly.entity_id
_entity_poly.type
_entity_poly.pdbx_seq_one_letter_code
_entity_poly.pdbx_strand_id
1 'polypeptide(L)'
;MGSSHHHHHHSSGLVPRGSHMDLREPAALSELRAELRAYFNGLLPADERRRVGEQGVGGERFREVVKMLGSDGWLGYGWP
KEYGGQGRSISEQYVLFDEVQRAGLPFPFVTVNTVGPTLMKYGTEEQKKKYLPGILSGDIVFAIGYTEPGAGTDLASLTT
RAVRDGDEFVIDGSKIFTSGANTADYIWLACRTDPEAPKHKGISIIIVPTDAEGFSWSPIQTVGGMVVTATYYSGVRVPV
SEVVGEINGGWKLITTQLNHERIGLAALGGRMIRLWEDVVAWARDNGVLEQPWVRRDLARTYAKLEAMRLLNWKMTIAVE
NDELTGADAGATKAYGTETHIDVQRTLTGILGAAGRIRPESPGAVLAGQIEQLSRQGIVNTFAGGVNEVLRDMVATLGLG
MPRSRRA
;
A
2 'polypeptide(L)'
;MDFTLGEELTELQGLARQIFTDHATHQRLRAVETSESRIDETLWRELAGAGLLGVALPEAAGGAGLGLGALCVLLEEQGR
HVAPVPLWPTLVAALAIAEHGTAEQRDLLPGVVDGSRRLTVALEEFGVGDVAAPGCTAVPDGDGWRLSGTKAVVPSITGA
AHLLVSATGPDGPGLFLVDADAPGLSWERTETTSRDMAGNLTLDAVPARALGPAALPWTLDVARTALAAVQLGVASGALH
ITASYLKEREQFGRPLGTFQAVQHQLADCYIEIEAMRVCLWQAVCAAEDGATDGKAALVAKWWADEGGLNVVHRTQHLHG
GIGVDVDYPIHRYFLWGKQISGTLGGASADLQRLGDLIAEGAAS
;
B
#
loop_
_chem_comp.id
_chem_comp.type
_chem_comp.name
_chem_comp.formula
1PE non-polymer 'PENTAETHYLENE GLYCOL' 'C10 H22 O6'
CL non-polymer 'CHLORIDE ION' 'Cl -1'
FDA non-polymer 'DIHYDROFLAVINE-ADENINE DINUCLEOTIDE' 'C27 H35 N9 O15 P2'
GOL non-polymer GLYCEROL 'C3 H8 O3'
#
# COMPACT_ATOMS: atom_id res chain seq x y z
N GLU A 25 -24.52 -6.44 31.63
CA GLU A 25 -23.30 -5.67 31.39
C GLU A 25 -22.73 -5.79 29.94
N PRO A 26 -22.25 -6.96 29.54
CA PRO A 26 -21.91 -7.13 28.11
C PRO A 26 -23.14 -7.08 27.22
N ALA A 27 -24.34 -7.25 27.79
CA ALA A 27 -25.58 -6.97 27.07
C ALA A 27 -25.68 -5.50 26.71
N ALA A 28 -25.14 -4.63 27.56
CA ALA A 28 -25.19 -3.20 27.31
C ALA A 28 -24.32 -2.83 26.12
N LEU A 29 -23.14 -3.45 26.00
CA LEU A 29 -22.28 -3.13 24.86
C LEU A 29 -22.88 -3.65 23.58
N SER A 30 -23.37 -4.89 23.57
CA SER A 30 -24.20 -5.39 22.47
C SER A 30 -25.30 -4.42 22.09
N GLU A 31 -26.07 -3.92 23.07
CA GLU A 31 -27.15 -3.00 22.73
C GLU A 31 -26.58 -1.71 22.16
N LEU A 32 -25.48 -1.23 22.73
CA LEU A 32 -24.84 -0.04 22.18
C LEU A 32 -24.42 -0.27 20.75
N ARG A 33 -23.83 -1.44 20.49
CA ARG A 33 -23.45 -1.79 19.13
C ARG A 33 -24.65 -1.71 18.19
N ALA A 34 -25.80 -2.28 18.59
CA ALA A 34 -26.95 -2.37 17.68
C ALA A 34 -27.59 -1.00 17.44
N GLU A 35 -27.62 -0.17 18.49
CA GLU A 35 -28.06 1.21 18.36
C GLU A 35 -27.18 1.98 17.37
N LEU A 36 -25.86 1.84 17.48
CA LEU A 36 -25.00 2.65 16.61
C LEU A 36 -25.10 2.23 15.16
N ARG A 37 -25.39 0.95 14.87
CA ARG A 37 -25.61 0.53 13.49
C ARG A 37 -26.86 1.18 12.92
N ALA A 38 -27.99 1.05 13.62
CA ALA A 38 -29.19 1.76 13.19
C ALA A 38 -28.86 3.25 12.92
N TYR A 39 -28.10 3.87 13.82
CA TYR A 39 -27.88 5.31 13.69
C TYR A 39 -27.04 5.64 12.45
N PHE A 40 -25.89 4.99 12.31
CA PHE A 40 -25.04 5.24 11.14
C PHE A 40 -25.73 4.86 9.85
N ASN A 41 -26.58 3.82 9.88
CA ASN A 41 -27.33 3.46 8.68
C ASN A 41 -28.23 4.60 8.25
N GLY A 42 -28.79 5.33 9.19
CA GLY A 42 -29.62 6.47 8.86
C GLY A 42 -28.87 7.67 8.35
N LEU A 43 -27.54 7.56 8.23
CA LEU A 43 -26.66 8.61 7.72
C LEU A 43 -25.95 8.19 6.43
N LEU A 44 -25.27 7.04 6.46
CA LEU A 44 -24.51 6.55 5.32
C LEU A 44 -25.44 6.12 4.19
N PRO A 45 -24.89 5.88 2.99
CA PRO A 45 -25.66 5.20 1.95
C PRO A 45 -25.02 3.86 1.60
N ALA A 46 -24.17 3.86 0.58
CA ALA A 46 -23.42 2.67 0.19
C ALA A 46 -21.93 3.00 0.09
N ASP A 47 -21.45 3.24 -1.14
CA ASP A 47 -20.04 3.56 -1.33
C ASP A 47 -19.64 4.86 -0.65
N GLU A 48 -20.59 5.76 -0.40
CA GLU A 48 -20.23 7.04 0.21
C GLU A 48 -19.42 6.83 1.48
N ARG A 49 -19.81 5.85 2.31
CA ARG A 49 -19.08 5.58 3.54
C ARG A 49 -17.61 5.31 3.28
N ARG A 50 -17.31 4.37 2.37
CA ARG A 50 -15.94 4.05 2.01
C ARG A 50 -15.27 5.19 1.24
N ARG A 51 -16.04 6.18 0.76
CA ARG A 51 -15.49 7.36 0.11
C ARG A 51 -15.09 8.44 1.12
N VAL A 52 -15.93 8.72 2.12
CA VAL A 52 -15.55 9.68 3.16
C VAL A 52 -14.53 9.07 4.12
N GLY A 53 -14.55 7.75 4.28
CA GLY A 53 -13.56 7.09 5.12
C GLY A 53 -12.16 7.10 4.52
N GLU A 54 -12.07 7.05 3.19
CA GLU A 54 -10.77 7.07 2.53
C GLU A 54 -10.14 8.47 2.56
N GLN A 55 -10.96 9.50 2.42
CA GLN A 55 -10.46 10.87 2.40
C GLN A 55 -10.00 11.31 3.78
N GLY A 56 -10.73 10.91 4.82
CA GLY A 56 -10.37 11.28 6.18
C GLY A 56 -10.62 12.78 6.40
N VAL A 57 -9.90 13.33 7.37
CA VAL A 57 -10.10 14.72 7.76
C VAL A 57 -10.00 15.69 6.57
N GLY A 58 -9.39 15.27 5.48
CA GLY A 58 -9.28 16.19 4.36
C GLY A 58 -10.42 16.17 3.37
N GLY A 59 -11.47 15.34 3.62
CA GLY A 59 -12.54 15.14 2.65
C GLY A 59 -13.64 16.18 2.74
N GLU A 60 -14.43 16.27 1.67
CA GLU A 60 -15.35 17.40 1.53
C GLU A 60 -16.48 17.34 2.54
N ARG A 61 -17.07 16.15 2.70
CA ARG A 61 -18.21 15.92 3.57
C ARG A 61 -17.81 15.66 5.01
N PHE A 62 -16.52 15.81 5.32
CA PHE A 62 -16.09 15.56 6.68
C PHE A 62 -16.85 16.43 7.68
N ARG A 63 -16.86 17.75 7.47
CA ARG A 63 -17.49 18.64 8.44
C ARG A 63 -18.97 18.37 8.55
N GLU A 64 -19.61 18.01 7.44
CA GLU A 64 -21.01 17.62 7.43
C GLU A 64 -21.28 16.48 8.40
N VAL A 65 -20.45 15.44 8.34
CA VAL A 65 -20.59 14.33 9.29
C VAL A 65 -20.34 14.81 10.72
N VAL A 66 -19.19 15.47 10.94
CA VAL A 66 -18.81 15.88 12.30
C VAL A 66 -19.95 16.64 12.95
N LYS A 67 -20.51 17.62 12.22
CA LYS A 67 -21.59 18.43 12.79
C LYS A 67 -22.80 17.57 13.11
N MET A 68 -23.11 16.58 12.26
CA MET A 68 -24.21 15.69 12.58
C MET A 68 -23.92 14.90 13.86
N LEU A 69 -22.78 14.22 13.91
CA LEU A 69 -22.40 13.50 15.12
C LEU A 69 -22.45 14.39 16.35
N GLY A 70 -21.97 15.63 16.21
CA GLY A 70 -21.87 16.52 17.36
C GLY A 70 -23.23 16.91 17.91
N SER A 71 -24.11 17.41 17.05
CA SER A 71 -25.44 17.72 17.54
C SER A 71 -26.18 16.49 18.07
N ASP A 72 -25.84 15.28 17.63
CA ASP A 72 -26.51 14.10 18.19
C ASP A 72 -25.86 13.58 19.47
N GLY A 73 -24.82 14.23 19.97
CA GLY A 73 -24.27 13.90 21.28
C GLY A 73 -23.19 12.84 21.30
N TRP A 74 -22.68 12.40 20.16
CA TRP A 74 -21.73 11.29 20.20
C TRP A 74 -20.29 11.73 20.37
N LEU A 75 -19.96 12.99 20.07
CA LEU A 75 -18.59 13.45 20.20
C LEU A 75 -18.14 13.48 21.67
N GLY A 76 -18.99 13.91 22.59
CA GLY A 76 -18.53 13.94 23.96
C GLY A 76 -18.77 12.66 24.72
N TYR A 77 -19.06 11.57 24.01
CA TYR A 77 -19.43 10.32 24.65
C TYR A 77 -18.45 9.91 25.74
N GLY A 78 -17.15 10.03 25.45
CA GLY A 78 -16.13 9.66 26.41
C GLY A 78 -15.56 10.82 27.21
N TRP A 79 -15.99 12.05 26.94
CA TRP A 79 -15.45 13.17 27.70
C TRP A 79 -15.99 13.16 29.13
N PRO A 80 -15.24 13.70 30.07
CA PRO A 80 -15.78 13.85 31.44
C PRO A 80 -17.03 14.72 31.41
N LYS A 81 -18.00 14.37 32.26
CA LYS A 81 -19.20 15.21 32.30
C LYS A 81 -18.90 16.61 32.85
N GLU A 82 -17.79 16.79 33.57
CA GLU A 82 -17.36 18.12 33.97
C GLU A 82 -17.22 19.05 32.77
N TYR A 83 -16.81 18.51 31.62
CA TYR A 83 -16.63 19.30 30.44
C TYR A 83 -17.73 19.08 29.42
N GLY A 84 -18.88 18.57 29.87
CA GLY A 84 -20.05 18.40 29.04
C GLY A 84 -20.17 17.06 28.37
N GLY A 85 -19.31 16.10 28.70
CA GLY A 85 -19.38 14.80 28.06
C GLY A 85 -20.20 13.80 28.87
N GLN A 86 -20.39 12.62 28.28
CA GLN A 86 -21.16 11.58 28.97
C GLN A 86 -20.32 10.78 29.98
N GLY A 87 -19.00 10.87 29.94
CA GLY A 87 -18.22 10.09 30.89
C GLY A 87 -18.33 8.59 30.73
N ARG A 88 -18.68 8.11 29.54
CA ARG A 88 -18.81 6.67 29.31
C ARG A 88 -17.45 5.97 29.41
N SER A 89 -17.51 4.66 29.60
CA SER A 89 -16.32 3.86 29.89
C SER A 89 -15.53 3.55 28.62
N ILE A 90 -14.33 3.00 28.83
CA ILE A 90 -13.43 2.68 27.73
C ILE A 90 -14.03 1.62 26.82
N SER A 91 -14.62 0.58 27.43
CA SER A 91 -15.34 -0.43 26.67
C SER A 91 -16.37 0.22 25.73
N GLU A 92 -17.22 1.10 26.28
CA GLU A 92 -18.22 1.77 25.44
C GLU A 92 -17.55 2.65 24.38
N GLN A 93 -16.50 3.38 24.78
CA GLN A 93 -15.80 4.22 23.82
C GLN A 93 -15.28 3.40 22.64
N TYR A 94 -14.77 2.20 22.91
CA TYR A 94 -14.22 1.41 21.80
C TYR A 94 -15.31 0.90 20.90
N VAL A 95 -16.47 0.53 21.46
CA VAL A 95 -17.60 0.13 20.62
C VAL A 95 -17.94 1.26 19.66
N LEU A 96 -18.01 2.49 20.18
CA LEU A 96 -18.28 3.65 19.33
C LEU A 96 -17.25 3.77 18.19
N PHE A 97 -15.96 3.78 18.53
CA PHE A 97 -14.94 3.88 17.46
C PHE A 97 -15.02 2.72 16.48
N ASP A 98 -15.29 1.51 16.98
CA ASP A 98 -15.34 0.39 16.04
C ASP A 98 -16.52 0.54 15.09
N GLU A 99 -17.64 1.06 15.59
CA GLU A 99 -18.82 1.13 14.75
C GLU A 99 -18.74 2.26 13.74
N VAL A 100 -18.10 3.39 14.09
CA VAL A 100 -17.93 4.47 13.10
C VAL A 100 -17.06 3.99 11.95
N GLN A 101 -15.96 3.31 12.25
CA GLN A 101 -15.13 2.75 11.19
C GLN A 101 -15.90 1.77 10.34
N ARG A 102 -16.65 0.87 11.00
CA ARG A 102 -17.39 -0.13 10.25
C ARG A 102 -18.33 0.54 9.26
N ALA A 103 -18.97 1.64 9.67
CA ALA A 103 -19.92 2.36 8.83
C ALA A 103 -19.24 3.12 7.69
N GLY A 104 -17.92 3.22 7.68
CA GLY A 104 -17.23 4.06 6.72
C GLY A 104 -17.17 5.51 7.14
N LEU A 105 -17.60 5.83 8.25
CA LEU A 105 -17.66 7.26 8.45
C LEU A 105 -16.37 7.76 9.09
N PRO A 106 -16.00 8.99 8.79
CA PRO A 106 -14.85 9.59 9.47
C PRO A 106 -15.30 10.16 10.81
N PHE A 107 -14.43 10.04 11.80
CA PHE A 107 -14.68 10.56 13.15
C PHE A 107 -13.57 11.56 13.49
N PRO A 108 -13.90 12.67 14.17
CA PRO A 108 -12.85 13.67 14.43
C PRO A 108 -11.97 13.28 15.61
N PHE A 109 -11.23 12.17 15.45
CA PHE A 109 -10.46 11.68 16.58
CA PHE A 109 -10.39 11.64 16.53
C PHE A 109 -9.45 12.73 17.07
N VAL A 110 -8.65 13.29 16.15
CA VAL A 110 -7.63 14.25 16.57
C VAL A 110 -8.26 15.38 17.37
N THR A 111 -9.40 15.89 16.94
CA THR A 111 -9.95 17.06 17.60
C THR A 111 -10.59 16.70 18.93
N VAL A 112 -11.31 15.59 18.95
CA VAL A 112 -12.09 15.21 20.13
C VAL A 112 -11.26 14.43 21.13
N ASN A 113 -10.34 13.60 20.67
CA ASN A 113 -9.60 12.71 21.56
C ASN A 113 -8.17 13.11 21.77
N THR A 114 -7.71 14.12 21.12
CA THR A 114 -6.32 14.51 21.21
C THR A 114 -6.14 15.95 21.66
N VAL A 115 -6.92 16.87 21.10
CA VAL A 115 -6.77 18.28 21.41
C VAL A 115 -7.62 18.65 22.62
N GLY A 116 -8.87 18.20 22.66
CA GLY A 116 -9.73 18.53 23.77
C GLY A 116 -9.13 18.11 25.10
N PRO A 117 -8.66 16.87 25.18
CA PRO A 117 -8.13 16.38 26.47
C PRO A 117 -6.82 17.04 26.86
N THR A 118 -6.02 17.49 25.89
CA THR A 118 -4.85 18.26 26.29
C THR A 118 -5.26 19.67 26.73
N LEU A 119 -6.28 20.25 26.10
CA LEU A 119 -6.81 21.53 26.56
C LEU A 119 -7.41 21.41 27.95
N MET A 120 -8.14 20.33 28.22
CA MET A 120 -8.74 20.20 29.54
C MET A 120 -7.67 20.21 30.62
N LYS A 121 -6.45 19.80 30.27
CA LYS A 121 -5.35 19.70 31.22
C LYS A 121 -4.55 21.00 31.32
N TYR A 122 -4.16 21.56 30.19
CA TYR A 122 -3.23 22.69 30.15
C TYR A 122 -3.88 23.99 29.71
N GLY A 123 -5.18 24.01 29.46
CA GLY A 123 -5.80 25.22 28.96
C GLY A 123 -6.17 26.17 30.08
N THR A 124 -6.23 27.46 29.75
CA THR A 124 -6.84 28.38 30.71
C THR A 124 -8.33 28.13 30.77
N GLU A 125 -8.94 28.54 31.88
CA GLU A 125 -10.39 28.51 31.94
C GLU A 125 -10.98 29.22 30.72
N GLU A 126 -10.37 30.34 30.32
CA GLU A 126 -10.78 31.05 29.12
C GLU A 126 -10.63 30.18 27.87
N GLN A 127 -9.47 29.53 27.71
CA GLN A 127 -9.28 28.73 26.51
C GLN A 127 -10.33 27.63 26.41
N LYS A 128 -10.63 26.98 27.53
CA LYS A 128 -11.59 25.89 27.52
C LYS A 128 -12.95 26.40 27.08
N LYS A 129 -13.33 27.59 27.54
CA LYS A 129 -14.65 28.10 27.21
C LYS A 129 -14.79 28.43 25.73
N LYS A 130 -13.72 28.91 25.11
CA LYS A 130 -13.79 29.27 23.69
C LYS A 130 -13.86 28.06 22.78
N TYR A 131 -13.20 26.96 23.14
CA TYR A 131 -12.96 25.84 22.22
C TYR A 131 -13.76 24.59 22.56
N LEU A 132 -13.79 24.18 23.82
CA LEU A 132 -14.36 22.87 24.12
C LEU A 132 -15.82 22.76 23.73
N PRO A 133 -16.68 23.77 23.96
CA PRO A 133 -18.09 23.58 23.58
C PRO A 133 -18.28 23.36 22.09
N GLY A 134 -17.54 24.10 21.26
CA GLY A 134 -17.67 23.96 19.82
C GLY A 134 -17.06 22.66 19.34
N ILE A 135 -16.03 22.17 20.02
CA ILE A 135 -15.56 20.82 19.73
C ILE A 135 -16.67 19.82 20.02
N LEU A 136 -17.22 19.90 21.24
CA LEU A 136 -18.32 19.04 21.65
C LEU A 136 -19.47 19.06 20.65
N SER A 137 -19.90 20.26 20.24
CA SER A 137 -21.06 20.38 19.36
C SER A 137 -20.74 20.04 17.91
N GLY A 138 -19.52 19.62 17.63
CA GLY A 138 -19.13 19.37 16.26
C GLY A 138 -19.00 20.61 15.41
N ASP A 139 -18.77 21.78 16.01
CA ASP A 139 -18.61 22.99 15.24
C ASP A 139 -17.16 23.43 15.07
N ILE A 140 -16.24 22.91 15.85
CA ILE A 140 -14.83 23.29 15.76
C ILE A 140 -14.01 22.05 15.47
N VAL A 141 -13.22 22.09 14.42
CA VAL A 141 -12.29 21.02 14.09
C VAL A 141 -10.88 21.59 14.06
N PHE A 142 -9.91 20.82 14.55
CA PHE A 142 -8.50 21.20 14.66
C PHE A 142 -7.67 20.37 13.72
N ALA A 143 -6.54 20.93 13.29
CA ALA A 143 -5.53 20.17 12.59
C ALA A 143 -4.20 20.33 13.33
N ILE A 144 -3.34 19.30 13.26
CA ILE A 144 -2.08 19.30 14.02
C ILE A 144 -0.97 19.87 13.16
N GLY A 145 -0.32 20.93 13.63
CA GLY A 145 0.77 21.54 12.90
C GLY A 145 2.13 21.30 13.55
N TYR A 146 2.68 20.09 13.43
CA TYR A 146 4.02 19.81 13.97
C TYR A 146 5.10 19.80 12.90
N THR A 147 4.94 18.89 11.93
CA THR A 147 5.98 18.47 11.02
C THR A 147 6.34 19.58 10.05
N GLU A 148 7.65 19.73 9.81
CA GLU A 148 8.18 20.65 8.82
C GLU A 148 9.04 19.87 7.84
N PRO A 149 9.29 20.42 6.66
CA PRO A 149 10.30 19.80 5.78
C PRO A 149 11.63 19.50 6.49
N GLY A 150 12.14 20.42 7.33
CA GLY A 150 13.39 20.20 8.05
C GLY A 150 13.26 19.56 9.43
N ALA A 151 12.06 19.16 9.84
CA ALA A 151 11.91 18.72 11.24
C ALA A 151 10.76 17.72 11.26
N GLY A 152 11.10 16.45 11.06
CA GLY A 152 10.09 15.41 11.01
C GLY A 152 10.23 14.53 12.23
N THR A 153 11.07 13.50 12.14
CA THR A 153 11.37 12.73 13.36
C THR A 153 11.98 13.64 14.42
N ASP A 154 12.91 14.53 14.02
CA ASP A 154 13.55 15.47 14.94
C ASP A 154 12.68 16.71 15.07
N LEU A 155 11.49 16.47 15.63
CA LEU A 155 10.49 17.52 15.71
C LEU A 155 10.98 18.69 16.56
N ALA A 156 11.79 18.40 17.60
CA ALA A 156 12.31 19.46 18.47
C ALA A 156 13.27 20.41 17.75
N SER A 157 13.63 20.13 16.50
CA SER A 157 14.39 21.08 15.68
C SER A 157 13.52 21.99 14.85
N LEU A 158 12.20 22.04 15.07
CA LEU A 158 11.36 22.87 14.24
C LEU A 158 11.78 24.35 14.32
N THR A 159 11.57 25.09 13.22
CA THR A 159 12.01 26.47 13.09
C THR A 159 10.89 27.45 12.79
N THR A 160 9.66 26.98 12.55
CA THR A 160 8.55 27.93 12.44
C THR A 160 8.60 28.82 13.68
N ARG A 161 8.65 30.12 13.48
CA ARG A 161 8.93 31.04 14.57
C ARG A 161 7.70 31.87 14.88
N ALA A 162 7.56 32.20 16.16
CA ALA A 162 6.54 33.10 16.64
C ALA A 162 7.24 34.11 17.52
N VAL A 163 7.19 35.39 17.14
CA VAL A 163 7.91 36.46 17.82
C VAL A 163 6.92 37.38 18.50
N ARG A 164 7.25 37.82 19.72
CA ARG A 164 6.38 38.73 20.45
C ARG A 164 6.41 40.13 19.83
N ASP A 165 5.24 40.70 19.56
CA ASP A 165 5.16 42.09 19.13
C ASP A 165 4.56 42.98 20.18
N GLY A 166 3.54 42.51 20.86
CA GLY A 166 3.07 43.16 22.07
C GLY A 166 2.32 42.11 22.84
N ASP A 167 0.99 42.18 22.79
CA ASP A 167 0.18 41.04 23.20
C ASP A 167 -0.24 40.17 22.00
N GLU A 168 0.49 40.26 20.89
CA GLU A 168 0.31 39.41 19.72
C GLU A 168 1.59 38.64 19.46
N PHE A 169 1.43 37.47 18.84
CA PHE A 169 2.56 36.77 18.25
C PHE A 169 2.49 36.90 16.74
N VAL A 170 3.66 37.04 16.12
CA VAL A 170 3.79 37.09 14.66
C VAL A 170 4.47 35.79 14.25
N ILE A 171 3.80 35.02 13.40
CA ILE A 171 4.18 33.64 13.10
C ILE A 171 4.64 33.56 11.66
N ASP A 172 5.85 33.02 11.46
CA ASP A 172 6.43 32.85 10.14
C ASP A 172 7.01 31.46 10.04
N GLY A 173 6.55 30.70 9.07
CA GLY A 173 7.13 29.40 8.78
C GLY A 173 6.17 28.61 7.91
N SER A 174 6.32 27.29 7.97
CA SER A 174 5.46 26.40 7.21
C SER A 174 5.47 25.03 7.89
N LYS A 175 4.46 24.21 7.58
CA LYS A 175 4.37 22.84 8.05
C LYS A 175 4.01 21.95 6.87
N ILE A 176 4.20 20.65 7.03
CA ILE A 176 3.98 19.73 5.92
C ILE A 176 3.24 18.52 6.45
N PHE A 177 2.38 17.96 5.60
CA PHE A 177 1.51 16.83 5.99
C PHE A 177 0.53 17.23 7.11
N THR A 178 0.02 18.45 7.05
CA THR A 178 -0.96 18.94 8.01
C THR A 178 -2.33 18.37 7.63
N SER A 179 -2.64 17.17 8.11
CA SER A 179 -3.91 16.53 7.75
C SER A 179 -5.08 17.36 8.24
N GLY A 180 -6.08 17.50 7.37
CA GLY A 180 -7.29 18.23 7.65
C GLY A 180 -7.15 19.74 7.61
N ALA A 181 -5.97 20.29 7.30
CA ALA A 181 -5.85 21.75 7.38
C ALA A 181 -6.84 22.43 6.44
N ASN A 182 -7.21 21.78 5.33
CA ASN A 182 -8.17 22.34 4.38
C ASN A 182 -9.60 22.36 4.90
N THR A 183 -9.91 21.57 5.93
CA THR A 183 -11.26 21.49 6.47
C THR A 183 -11.34 21.93 7.92
N ALA A 184 -10.23 22.21 8.57
CA ALA A 184 -10.20 22.62 9.96
C ALA A 184 -10.48 24.11 10.12
N ASP A 185 -10.90 24.49 11.34
CA ASP A 185 -11.05 25.88 11.74
C ASP A 185 -9.83 26.43 12.47
N TYR A 186 -9.00 25.57 13.05
CA TYR A 186 -7.82 26.01 13.80
C TYR A 186 -6.69 25.01 13.64
N ILE A 187 -5.46 25.54 13.64
CA ILE A 187 -4.24 24.73 13.66
C ILE A 187 -3.69 24.72 15.08
N TRP A 188 -3.38 23.53 15.58
CA TRP A 188 -2.64 23.36 16.81
C TRP A 188 -1.16 23.42 16.42
N LEU A 189 -0.54 24.59 16.58
CA LEU A 189 0.71 24.89 15.88
C LEU A 189 1.90 24.93 16.85
N ALA A 190 2.89 24.08 16.58
CA ALA A 190 4.15 24.06 17.34
C ALA A 190 5.12 25.07 16.72
N CYS A 191 5.54 26.07 17.52
CA CYS A 191 6.38 27.17 17.07
C CYS A 191 7.59 27.33 17.97
N ARG A 192 8.68 27.82 17.38
CA ARG A 192 9.87 28.28 18.12
C ARG A 192 9.65 29.68 18.68
N THR A 193 9.53 29.78 20.00
CA THR A 193 9.37 31.08 20.66
C THR A 193 10.64 31.61 21.31
N ASP A 194 11.64 30.76 21.54
CA ASP A 194 12.89 31.23 22.14
C ASP A 194 14.05 30.64 21.37
N PRO A 195 14.62 31.38 20.44
CA PRO A 195 15.63 30.79 19.55
C PRO A 195 16.95 30.51 20.25
N GLU A 196 17.14 30.94 21.49
CA GLU A 196 18.40 30.71 22.18
C GLU A 196 18.34 29.57 23.20
N ALA A 197 17.16 29.01 23.47
CA ALA A 197 17.00 27.99 24.49
C ALA A 197 17.34 26.60 23.95
N PRO A 198 17.63 25.65 24.85
CA PRO A 198 17.66 24.25 24.43
C PRO A 198 16.46 23.98 23.55
N LYS A 199 16.66 23.17 22.50
CA LYS A 199 15.61 23.01 21.49
C LYS A 199 14.28 22.56 22.11
N HIS A 200 14.33 21.61 23.05
CA HIS A 200 13.10 21.17 23.71
C HIS A 200 12.48 22.26 24.57
N LYS A 201 13.22 23.31 24.90
CA LYS A 201 12.72 24.34 25.81
C LYS A 201 12.45 25.66 25.09
N GLY A 202 12.38 25.65 23.75
CA GLY A 202 12.18 26.86 22.99
C GLY A 202 10.86 26.88 22.22
N ILE A 203 9.96 25.95 22.53
CA ILE A 203 8.79 25.67 21.71
C ILE A 203 7.54 26.06 22.47
N SER A 204 6.56 26.62 21.75
CA SER A 204 5.23 26.80 22.30
C SER A 204 4.18 26.26 21.32
N ILE A 205 3.05 25.85 21.88
CA ILE A 205 1.85 25.53 21.11
C ILE A 205 1.00 26.79 20.98
N ILE A 206 0.64 27.17 19.76
CA ILE A 206 -0.23 28.32 19.52
C ILE A 206 -1.39 27.93 18.62
N ILE A 207 -2.61 28.37 18.96
CA ILE A 207 -3.78 28.09 18.14
C ILE A 207 -3.94 29.18 17.10
N VAL A 208 -3.93 28.79 15.83
CA VAL A 208 -4.00 29.72 14.72
C VAL A 208 -5.31 29.48 13.97
N PRO A 209 -6.17 30.48 13.82
CA PRO A 209 -7.39 30.29 13.01
C PRO A 209 -7.03 30.12 11.54
N THR A 210 -7.74 29.23 10.86
CA THR A 210 -7.45 28.94 9.47
C THR A 210 -7.96 30.03 8.54
N ASP A 211 -8.71 30.99 9.05
CA ASP A 211 -9.07 32.17 8.27
C ASP A 211 -8.11 33.34 8.51
N ALA A 212 -7.13 33.17 9.39
CA ALA A 212 -6.16 34.23 9.64
C ALA A 212 -5.54 34.69 8.33
N GLU A 213 -5.29 35.99 8.26
CA GLU A 213 -4.56 36.57 7.15
C GLU A 213 -3.10 36.13 7.21
N GLY A 214 -2.56 35.74 6.06
CA GLY A 214 -1.26 35.12 6.01
C GLY A 214 -1.26 33.59 6.12
N PHE A 215 -2.41 32.96 6.42
CA PHE A 215 -2.45 31.50 6.43
C PHE A 215 -2.89 30.99 5.05
N SER A 216 -2.25 29.92 4.59
CA SER A 216 -2.62 29.31 3.32
C SER A 216 -2.20 27.84 3.36
N TRP A 217 -2.77 27.04 2.47
CA TRP A 217 -2.45 25.61 2.40
C TRP A 217 -2.49 25.15 0.94
N SER A 218 -1.82 24.03 0.66
CA SER A 218 -1.85 23.40 -0.67
C SER A 218 -1.92 21.89 -0.52
N PRO A 219 -2.60 21.22 -1.46
CA PRO A 219 -2.88 19.79 -1.29
C PRO A 219 -1.66 18.93 -1.57
N ILE A 220 -1.62 17.78 -0.89
CA ILE A 220 -0.66 16.68 -1.14
C ILE A 220 -1.46 15.38 -1.21
N GLN A 221 -1.43 14.70 -2.36
CA GLN A 221 -2.15 13.44 -2.52
C GLN A 221 -1.26 12.27 -2.14
N THR A 222 -1.79 11.34 -1.36
CA THR A 222 -1.00 10.20 -0.92
C THR A 222 -1.35 8.96 -1.73
N VAL A 223 -0.42 8.02 -1.74
CA VAL A 223 -0.63 6.80 -2.49
C VAL A 223 -1.84 6.03 -1.97
N GLY A 224 -2.16 6.21 -0.68
CA GLY A 224 -3.30 5.61 -0.04
C GLY A 224 -4.64 6.22 -0.34
N GLY A 225 -4.68 7.34 -1.08
CA GLY A 225 -5.95 7.95 -1.43
C GLY A 225 -6.29 9.19 -0.63
N MET A 226 -5.61 9.45 0.47
CA MET A 226 -5.84 10.64 1.28
C MET A 226 -5.24 11.88 0.63
N VAL A 227 -5.85 13.02 0.90
CA VAL A 227 -5.26 14.32 0.62
C VAL A 227 -4.91 14.94 1.97
N VAL A 228 -3.63 15.24 2.18
CA VAL A 228 -3.21 16.07 3.31
C VAL A 228 -2.71 17.39 2.72
N THR A 229 -1.97 18.21 3.45
CA THR A 229 -1.60 19.53 2.97
C THR A 229 -0.20 19.91 3.41
N ALA A 230 0.33 20.94 2.76
CA ALA A 230 1.34 21.79 3.36
C ALA A 230 0.61 23.06 3.81
N THR A 231 1.02 23.63 4.93
CA THR A 231 0.43 24.88 5.37
C THR A 231 1.53 25.91 5.48
N TYR A 232 1.17 27.16 5.25
CA TYR A 232 2.10 28.29 5.20
C TYR A 232 1.60 29.41 6.10
N TYR A 233 2.54 30.06 6.82
CA TYR A 233 2.26 31.11 7.79
C TYR A 233 3.19 32.27 7.48
N SER A 234 2.64 33.33 6.94
CA SER A 234 3.40 34.48 6.47
C SER A 234 2.88 35.71 7.23
N GLY A 235 3.60 36.11 8.27
CA GLY A 235 3.19 37.26 9.06
C GLY A 235 1.89 37.07 9.79
N VAL A 236 1.46 35.82 10.00
CA VAL A 236 0.20 35.57 10.68
C VAL A 236 0.25 36.13 12.09
N ARG A 237 -0.81 36.81 12.51
CA ARG A 237 -0.84 37.48 13.79
C ARG A 237 -1.94 36.86 14.66
N VAL A 238 -1.57 36.51 15.89
CA VAL A 238 -2.49 35.84 16.81
C VAL A 238 -2.29 36.45 18.20
N PRO A 239 -3.36 36.74 18.95
CA PRO A 239 -3.18 37.27 20.31
C PRO A 239 -2.37 36.30 21.16
N VAL A 240 -1.60 36.86 22.10
CA VAL A 240 -0.77 36.07 22.98
C VAL A 240 -1.59 35.13 23.87
N SER A 241 -2.86 35.45 24.12
CA SER A 241 -3.71 34.54 24.90
C SER A 241 -3.96 33.20 24.18
N GLU A 242 -3.67 33.10 22.89
CA GLU A 242 -3.86 31.87 22.14
C GLU A 242 -2.69 30.88 22.28
N VAL A 243 -1.73 31.14 23.15
CA VAL A 243 -0.72 30.17 23.52
C VAL A 243 -1.30 29.20 24.55
N VAL A 244 -1.19 27.92 24.29
CA VAL A 244 -1.70 26.93 25.24
C VAL A 244 -0.57 26.54 26.18
N GLY A 245 -0.83 26.57 27.48
CA GLY A 245 0.23 26.23 28.42
C GLY A 245 1.11 27.44 28.64
N GLU A 246 2.36 27.20 29.02
CA GLU A 246 3.33 28.26 29.24
C GLU A 246 4.19 28.47 28.00
N ILE A 247 4.59 29.73 27.78
CA ILE A 247 5.48 30.04 26.67
C ILE A 247 6.80 29.32 26.87
N ASN A 248 7.29 28.69 25.80
CA ASN A 248 8.47 27.84 25.78
C ASN A 248 8.27 26.51 26.49
N GLY A 249 7.06 26.22 27.01
CA GLY A 249 6.74 24.96 27.65
C GLY A 249 5.94 24.03 26.76
N GLY A 250 6.03 24.23 25.45
CA GLY A 250 5.16 23.52 24.53
C GLY A 250 5.48 22.05 24.36
N TRP A 251 6.65 21.60 24.79
CA TRP A 251 7.01 20.21 24.52
C TRP A 251 6.14 19.26 25.32
N LYS A 252 5.82 19.59 26.56
CA LYS A 252 4.95 18.70 27.33
C LYS A 252 3.55 18.61 26.73
N LEU A 253 3.08 19.68 26.08
CA LEU A 253 1.78 19.60 25.41
C LEU A 253 1.88 18.70 24.19
N ILE A 254 2.94 18.86 23.41
CA ILE A 254 3.11 18.02 22.23
C ILE A 254 3.07 16.55 22.65
N THR A 255 3.80 16.20 23.71
CA THR A 255 3.85 14.79 24.10
C THR A 255 2.50 14.32 24.61
N THR A 256 1.84 15.12 25.44
CA THR A 256 0.50 14.76 25.92
C THR A 256 -0.42 14.44 24.75
N GLN A 257 -0.50 15.31 23.75
CA GLN A 257 -1.43 15.00 22.66
C GLN A 257 -0.93 13.83 21.81
N LEU A 258 0.39 13.64 21.70
CA LEU A 258 0.88 12.48 20.95
C LEU A 258 0.54 11.18 21.65
N ASN A 259 0.54 11.17 22.99
CA ASN A 259 0.18 9.95 23.70
C ASN A 259 -1.29 9.61 23.49
N HIS A 260 -2.18 10.59 23.63
CA HIS A 260 -3.58 10.41 23.31
C HIS A 260 -3.78 10.00 21.86
N GLU A 261 -2.79 10.25 21.00
CA GLU A 261 -2.83 9.83 19.62
C GLU A 261 -2.56 8.35 19.47
N ARG A 262 -2.80 7.56 20.51
CA ARG A 262 -2.73 6.12 20.36
C ARG A 262 -4.10 5.47 20.46
N ILE A 263 -5.06 6.11 21.12
CA ILE A 263 -6.44 5.62 21.16
C ILE A 263 -7.02 5.48 19.75
N GLY A 264 -6.55 6.30 18.82
CA GLY A 264 -6.90 6.12 17.42
C GLY A 264 -6.29 4.87 16.82
N LEU A 265 -4.99 4.63 17.08
CA LEU A 265 -4.36 3.45 16.50
CA LEU A 265 -4.35 3.44 16.52
C LEU A 265 -4.96 2.16 17.09
N ALA A 266 -5.42 2.20 18.33
CA ALA A 266 -6.20 1.09 18.87
C ALA A 266 -7.46 0.83 18.04
N ALA A 267 -8.26 1.87 17.79
CA ALA A 267 -9.44 1.69 16.94
C ALA A 267 -9.04 1.20 15.55
N LEU A 268 -7.88 1.63 15.02
CA LEU A 268 -7.42 1.15 13.71
C LEU A 268 -7.23 -0.36 13.72
N GLY A 269 -6.57 -0.86 14.77
CA GLY A 269 -6.47 -2.30 14.95
C GLY A 269 -7.83 -2.97 15.00
N GLY A 270 -8.80 -2.33 15.67
CA GLY A 270 -10.14 -2.85 15.68
C GLY A 270 -10.67 -3.08 14.27
N ARG A 271 -10.38 -2.14 13.37
CA ARG A 271 -10.83 -2.28 11.98
C ARG A 271 -10.16 -3.46 11.28
N MET A 272 -8.87 -3.68 11.50
CA MET A 272 -8.22 -4.83 10.89
C MET A 272 -8.74 -6.16 11.43
N ILE A 273 -9.15 -6.19 12.69
CA ILE A 273 -9.76 -7.41 13.24
C ILE A 273 -11.07 -7.70 12.48
N ARG A 274 -11.90 -6.67 12.29
CA ARG A 274 -13.14 -6.87 11.53
C ARG A 274 -12.88 -7.37 10.11
N LEU A 275 -11.91 -6.78 9.43
CA LEU A 275 -11.58 -7.19 8.08
C LEU A 275 -11.05 -8.64 8.05
N TRP A 276 -10.22 -9.01 9.02
CA TRP A 276 -9.80 -10.40 9.17
C TRP A 276 -11.01 -11.34 9.25
N GLU A 277 -11.98 -11.00 10.12
CA GLU A 277 -13.19 -11.80 10.21
C GLU A 277 -13.92 -11.87 8.87
N ASP A 278 -14.02 -10.75 8.16
CA ASP A 278 -14.73 -10.77 6.89
C ASP A 278 -14.02 -11.66 5.88
N VAL A 279 -12.69 -11.64 5.90
CA VAL A 279 -11.94 -12.51 4.99
C VAL A 279 -12.15 -13.98 5.34
N VAL A 280 -12.16 -14.33 6.64
CA VAL A 280 -12.50 -15.71 7.03
C VAL A 280 -13.82 -16.13 6.40
N ALA A 281 -14.87 -15.30 6.55
CA ALA A 281 -16.18 -15.65 6.02
C ALA A 281 -16.15 -15.80 4.49
N TRP A 282 -15.49 -14.86 3.83
CA TRP A 282 -15.36 -14.89 2.37
C TRP A 282 -14.66 -16.17 1.90
N ALA A 283 -13.56 -16.54 2.56
CA ALA A 283 -12.81 -17.72 2.16
C ALA A 283 -13.58 -18.99 2.46
N ARG A 284 -14.37 -18.98 3.54
CA ARG A 284 -15.25 -20.10 3.86
C ARG A 284 -16.22 -20.35 2.72
N ASP A 285 -16.79 -19.28 2.18
CA ASP A 285 -17.90 -19.45 1.26
C ASP A 285 -17.43 -19.69 -0.18
N ASN A 286 -16.15 -19.49 -0.51
CA ASN A 286 -15.69 -19.86 -1.86
C ASN A 286 -14.65 -20.97 -1.88
N GLY A 287 -14.40 -21.63 -0.74
CA GLY A 287 -13.46 -22.73 -0.70
C GLY A 287 -12.01 -22.36 -0.50
N VAL A 288 -11.68 -21.06 -0.51
CA VAL A 288 -10.30 -20.67 -0.25
C VAL A 288 -9.86 -21.15 1.14
N LEU A 289 -10.80 -21.22 2.09
CA LEU A 289 -10.53 -21.72 3.46
C LEU A 289 -10.07 -23.19 3.49
N GLU A 290 -10.28 -23.96 2.42
CA GLU A 290 -9.80 -25.35 2.41
C GLU A 290 -8.31 -25.48 2.14
N GLN A 291 -7.65 -24.38 1.71
CA GLN A 291 -6.21 -24.42 1.46
C GLN A 291 -5.43 -24.40 2.78
N PRO A 292 -4.57 -25.38 3.04
CA PRO A 292 -3.74 -25.33 4.25
C PRO A 292 -3.01 -24.00 4.44
N TRP A 293 -2.45 -23.42 3.36
CA TRP A 293 -1.66 -22.21 3.55
C TRP A 293 -2.53 -21.07 4.04
N VAL A 294 -3.78 -21.02 3.59
CA VAL A 294 -4.70 -19.97 4.04
C VAL A 294 -5.00 -20.13 5.53
N ARG A 295 -5.33 -21.35 5.94
CA ARG A 295 -5.62 -21.63 7.35
C ARG A 295 -4.44 -21.21 8.24
N ARG A 296 -3.23 -21.56 7.83
CA ARG A 296 -2.04 -21.22 8.61
C ARG A 296 -1.85 -19.70 8.71
N ASP A 297 -2.06 -18.98 7.60
CA ASP A 297 -1.91 -17.52 7.61
C ASP A 297 -2.99 -16.85 8.47
N LEU A 298 -4.22 -17.37 8.42
CA LEU A 298 -5.27 -16.85 9.29
C LEU A 298 -4.95 -17.13 10.76
N ALA A 299 -4.33 -18.28 11.05
CA ALA A 299 -3.93 -18.60 12.44
C ALA A 299 -2.86 -17.64 12.94
N ARG A 300 -1.83 -17.39 12.12
CA ARG A 300 -0.74 -16.52 12.52
C ARG A 300 -1.22 -15.09 12.71
N THR A 301 -2.07 -14.60 11.79
CA THR A 301 -2.57 -13.24 11.97
C THR A 301 -3.56 -13.18 13.13
N TYR A 302 -4.39 -14.23 13.36
CA TYR A 302 -5.21 -14.26 14.56
C TYR A 302 -4.35 -14.07 15.83
N ALA A 303 -3.26 -14.81 15.92
CA ALA A 303 -2.45 -14.77 17.15
C ALA A 303 -1.82 -13.39 17.34
N LYS A 304 -1.39 -12.76 16.25
CA LYS A 304 -0.75 -11.44 16.33
C LYS A 304 -1.77 -10.35 16.61
N LEU A 305 -2.98 -10.48 16.03
CA LEU A 305 -4.10 -9.60 16.35
C LEU A 305 -4.56 -9.76 17.77
N GLU A 306 -4.54 -11.00 18.32
CA GLU A 306 -4.92 -11.15 19.71
C GLU A 306 -3.95 -10.39 20.62
N ALA A 307 -2.64 -10.54 20.41
CA ALA A 307 -1.68 -9.79 21.25
C ALA A 307 -1.90 -8.28 21.10
N MET A 308 -2.09 -7.80 19.86
CA MET A 308 -2.30 -6.38 19.62
C MET A 308 -3.50 -5.84 20.37
N ARG A 309 -4.62 -6.54 20.29
CA ARG A 309 -5.80 -5.97 20.88
C ARG A 309 -5.71 -5.97 22.39
N LEU A 310 -5.03 -6.98 22.95
CA LEU A 310 -4.87 -7.03 24.40
C LEU A 310 -3.87 -5.97 24.87
N LEU A 311 -2.79 -5.79 24.14
CA LEU A 311 -1.85 -4.73 24.49
C LEU A 311 -2.52 -3.35 24.36
N ASN A 312 -3.31 -3.14 23.28
CA ASN A 312 -4.03 -1.87 23.11
C ASN A 312 -4.96 -1.60 24.28
N TRP A 313 -5.66 -2.63 24.73
CA TRP A 313 -6.59 -2.46 25.84
CA TRP A 313 -6.59 -2.46 25.84
C TRP A 313 -5.85 -2.03 27.11
N LYS A 314 -4.82 -2.78 27.50
CA LYS A 314 -4.01 -2.36 28.65
C LYS A 314 -3.51 -0.93 28.49
N MET A 315 -2.99 -0.58 27.31
CA MET A 315 -2.40 0.75 27.17
C MET A 315 -3.46 1.87 27.18
N THR A 316 -4.65 1.62 26.63
CA THR A 316 -5.72 2.61 26.77
C THR A 316 -6.07 2.84 28.22
N ILE A 317 -6.16 1.76 29.00
CA ILE A 317 -6.44 1.93 30.41
C ILE A 317 -5.40 2.82 31.06
N ALA A 318 -4.13 2.55 30.78
CA ALA A 318 -3.04 3.33 31.34
C ALA A 318 -3.16 4.80 30.96
N VAL A 319 -3.37 5.08 29.66
CA VAL A 319 -3.31 6.45 29.18
C VAL A 319 -4.46 7.26 29.76
N GLU A 320 -5.66 6.70 29.79
CA GLU A 320 -6.75 7.43 30.45
C GLU A 320 -6.56 7.49 31.95
N ASN A 321 -5.60 6.75 32.51
CA ASN A 321 -5.27 6.83 33.93
C ASN A 321 -4.02 7.67 34.22
N ASP A 322 -3.32 8.16 33.20
CA ASP A 322 -2.10 8.95 33.43
C ASP A 322 -0.97 8.08 33.99
N GLU A 323 -0.89 6.81 33.53
CA GLU A 323 0.07 5.84 34.06
C GLU A 323 0.78 5.06 32.96
N LEU A 324 0.68 5.49 31.72
CA LEU A 324 1.36 4.79 30.65
C LEU A 324 2.84 5.19 30.67
N THR A 325 3.74 4.21 30.66
CA THR A 325 5.17 4.52 30.53
C THR A 325 5.56 4.72 29.08
N GLY A 326 6.64 5.48 28.89
CA GLY A 326 7.17 5.69 27.56
C GLY A 326 7.56 4.38 26.90
N ALA A 327 8.14 3.46 27.69
CA ALA A 327 8.52 2.18 27.11
C ALA A 327 7.30 1.44 26.60
N ASP A 328 6.26 1.33 27.44
CA ASP A 328 5.10 0.56 27.01
C ASP A 328 4.37 1.22 25.86
N ALA A 329 4.21 2.55 25.88
CA ALA A 329 3.54 3.21 24.76
C ALA A 329 4.28 2.94 23.46
N GLY A 330 5.60 3.10 23.48
CA GLY A 330 6.38 2.85 22.30
C GLY A 330 6.32 1.40 21.85
N ALA A 331 6.41 0.45 22.79
CA ALA A 331 6.35 -0.96 22.38
C ALA A 331 4.99 -1.28 21.76
N THR A 332 3.92 -0.77 22.38
CA THR A 332 2.58 -1.10 21.88
C THR A 332 2.31 -0.46 20.53
N LYS A 333 2.70 0.81 20.36
CA LYS A 333 2.48 1.45 19.07
C LYS A 333 3.34 0.80 17.98
N ALA A 334 4.60 0.51 18.26
CA ALA A 334 5.38 -0.07 17.18
C ALA A 334 4.87 -1.46 16.83
N TYR A 335 4.55 -2.28 17.84
CA TYR A 335 4.01 -3.61 17.57
C TYR A 335 2.69 -3.53 16.80
N GLY A 336 1.78 -2.64 17.24
CA GLY A 336 0.46 -2.61 16.60
C GLY A 336 0.52 -2.15 15.16
N THR A 337 1.24 -1.05 14.88
CA THR A 337 1.34 -0.57 13.50
C THR A 337 2.08 -1.57 12.58
N GLU A 338 3.10 -2.28 13.07
CA GLU A 338 3.70 -3.29 12.20
C GLU A 338 2.77 -4.48 12.01
N THR A 339 1.99 -4.82 13.04
CA THR A 339 1.00 -5.87 12.88
C THR A 339 -0.08 -5.48 11.87
N HIS A 340 -0.53 -4.22 11.83
CA HIS A 340 -1.51 -3.85 10.80
C HIS A 340 -0.97 -4.14 9.40
N ILE A 341 0.31 -3.82 9.15
CA ILE A 341 0.91 -4.09 7.84
C ILE A 341 1.03 -5.59 7.59
N ASP A 342 1.49 -6.36 8.57
CA ASP A 342 1.56 -7.82 8.42
C ASP A 342 0.18 -8.39 8.04
N VAL A 343 -0.87 -7.97 8.75
CA VAL A 343 -2.20 -8.47 8.44
C VAL A 343 -2.67 -8.01 7.04
N GLN A 344 -2.40 -6.74 6.69
CA GLN A 344 -2.73 -6.28 5.35
C GLN A 344 -2.05 -7.14 4.29
N ARG A 345 -0.74 -7.41 4.43
CA ARG A 345 -0.03 -8.22 3.43
C ARG A 345 -0.66 -9.58 3.34
N THR A 346 -0.94 -10.17 4.50
CA THR A 346 -1.34 -11.56 4.58
C THR A 346 -2.76 -11.76 4.02
N LEU A 347 -3.70 -10.89 4.40
CA LEU A 347 -5.06 -10.97 3.89
C LEU A 347 -5.12 -10.71 2.40
N THR A 348 -4.28 -9.80 1.89
CA THR A 348 -4.20 -9.58 0.45
C THR A 348 -3.84 -10.90 -0.27
N GLY A 349 -2.81 -11.61 0.23
CA GLY A 349 -2.49 -12.90 -0.36
C GLY A 349 -3.66 -13.85 -0.36
N ILE A 350 -4.40 -13.91 0.76
CA ILE A 350 -5.54 -14.84 0.85
C ILE A 350 -6.61 -14.50 -0.17
N LEU A 351 -6.76 -13.20 -0.48
CA LEU A 351 -7.75 -12.78 -1.45
C LEU A 351 -7.40 -13.19 -2.88
N GLY A 352 -6.19 -13.68 -3.14
CA GLY A 352 -5.95 -14.15 -4.50
C GLY A 352 -5.96 -13.02 -5.51
N ALA A 353 -6.44 -13.37 -6.71
CA ALA A 353 -6.42 -12.44 -7.84
C ALA A 353 -7.19 -11.16 -7.54
N ALA A 354 -8.27 -11.24 -6.74
CA ALA A 354 -9.01 -10.05 -6.36
C ALA A 354 -8.24 -9.16 -5.36
N GLY A 355 -7.20 -9.68 -4.72
CA GLY A 355 -6.41 -8.87 -3.80
C GLY A 355 -5.82 -7.60 -4.42
N ARG A 356 -5.71 -7.56 -5.75
CA ARG A 356 -5.08 -6.43 -6.42
C ARG A 356 -6.09 -5.45 -7.01
N ILE A 357 -7.38 -5.62 -6.75
CA ILE A 357 -8.37 -4.77 -7.41
C ILE A 357 -8.72 -3.62 -6.47
N ARG A 358 -8.59 -2.39 -7.00
CA ARG A 358 -8.85 -1.17 -6.24
C ARG A 358 -10.36 -1.01 -5.94
N PRO A 359 -10.69 -0.26 -4.88
CA PRO A 359 -12.10 0.07 -4.59
C PRO A 359 -12.77 0.61 -5.84
N GLU A 360 -14.04 0.27 -6.04
CA GLU A 360 -14.82 0.83 -7.16
C GLU A 360 -14.42 0.23 -8.50
N SER A 361 -13.50 -0.71 -8.55
CA SER A 361 -13.36 -1.41 -9.81
C SER A 361 -14.05 -2.78 -9.71
N PRO A 362 -14.50 -3.30 -10.84
CA PRO A 362 -15.23 -4.57 -10.83
C PRO A 362 -14.37 -5.72 -10.34
N GLY A 363 -14.98 -6.60 -9.53
CA GLY A 363 -14.30 -7.72 -8.92
C GLY A 363 -13.67 -7.42 -7.58
N ALA A 364 -13.71 -6.17 -7.10
CA ALA A 364 -13.09 -5.88 -5.80
C ALA A 364 -13.80 -6.68 -4.73
N VAL A 365 -13.06 -7.12 -3.72
CA VAL A 365 -13.66 -7.89 -2.62
C VAL A 365 -13.70 -6.98 -1.39
N LEU A 366 -14.82 -7.03 -0.68
CA LEU A 366 -14.99 -6.20 0.50
C LEU A 366 -14.75 -4.74 0.12
N ALA A 367 -15.29 -4.35 -1.05
CA ALA A 367 -15.21 -3.00 -1.60
C ALA A 367 -13.76 -2.53 -1.79
N GLY A 368 -12.78 -3.44 -1.91
CA GLY A 368 -11.38 -3.05 -2.08
C GLY A 368 -10.72 -2.50 -0.84
N GLN A 369 -11.33 -2.66 0.34
CA GLN A 369 -10.83 -1.99 1.55
C GLN A 369 -9.43 -2.45 1.91
N ILE A 370 -9.16 -3.74 1.80
CA ILE A 370 -7.85 -4.24 2.21
C ILE A 370 -6.79 -3.80 1.20
N GLU A 371 -7.16 -3.76 -0.08
CA GLU A 371 -6.26 -3.18 -1.07
C GLU A 371 -5.94 -1.72 -0.72
N GLN A 372 -6.96 -0.89 -0.44
CA GLN A 372 -6.65 0.51 -0.14
C GLN A 372 -5.92 0.67 1.20
N LEU A 373 -6.28 -0.14 2.22
CA LEU A 373 -5.62 -0.03 3.53
C LEU A 373 -4.16 -0.45 3.45
N SER A 374 -3.83 -1.41 2.58
CA SER A 374 -2.42 -1.74 2.34
C SER A 374 -1.63 -0.53 1.87
N ARG A 375 -2.25 0.36 1.09
CA ARG A 375 -1.53 1.53 0.62
C ARG A 375 -1.47 2.63 1.66
N GLN A 376 -2.19 2.48 2.78
CA GLN A 376 -2.19 3.46 3.86
C GLN A 376 -1.44 2.98 5.10
N GLY A 377 -1.49 1.67 5.41
CA GLY A 377 -0.82 1.15 6.60
C GLY A 377 0.65 1.51 6.68
N ILE A 378 1.30 1.67 5.53
CA ILE A 378 2.69 2.09 5.47
C ILE A 378 2.94 3.44 6.16
N VAL A 379 1.92 4.29 6.29
CA VAL A 379 2.13 5.57 6.97
C VAL A 379 2.40 5.38 8.46
N ASN A 380 1.69 4.46 9.12
CA ASN A 380 1.57 4.61 10.57
C ASN A 380 2.73 4.02 11.32
N THR A 381 3.66 3.34 10.63
CA THR A 381 4.92 2.99 11.27
C THR A 381 5.88 4.17 11.42
N PHE A 382 5.63 5.32 10.74
CA PHE A 382 6.42 6.49 11.02
C PHE A 382 5.59 7.69 11.49
N ALA A 383 4.26 7.70 11.32
CA ALA A 383 3.45 8.77 11.90
C ALA A 383 3.15 8.45 13.37
N GLY A 384 2.87 9.49 14.16
CA GLY A 384 2.64 9.33 15.60
C GLY A 384 3.81 8.73 16.37
N GLY A 385 5.03 9.12 16.04
CA GLY A 385 6.21 8.45 16.55
C GLY A 385 6.83 7.44 15.57
N VAL A 386 8.12 7.56 15.35
CA VAL A 386 8.83 6.79 14.33
C VAL A 386 9.30 5.49 14.97
N ASN A 387 8.94 4.33 14.39
CA ASN A 387 9.13 3.09 15.14
C ASN A 387 10.59 2.87 15.54
N GLU A 388 11.56 3.31 14.73
CA GLU A 388 12.97 3.21 15.16
C GLU A 388 13.21 3.94 16.48
N VAL A 389 12.69 5.14 16.58
CA VAL A 389 12.90 5.94 17.79
C VAL A 389 12.13 5.32 18.95
N LEU A 390 10.95 4.76 18.67
CA LEU A 390 10.21 4.08 19.72
C LEU A 390 11.01 2.88 20.25
N ARG A 391 11.66 2.12 19.36
CA ARG A 391 12.52 1.02 19.83
C ARG A 391 13.72 1.53 20.65
N ASP A 392 14.33 2.66 20.24
CA ASP A 392 15.37 3.27 21.07
C ASP A 392 14.84 3.51 22.48
N MET A 393 13.64 4.09 22.57
CA MET A 393 13.06 4.46 23.85
C MET A 393 12.72 3.21 24.66
N VAL A 394 12.20 2.15 24.00
CA VAL A 394 11.98 0.87 24.70
C VAL A 394 13.26 0.42 25.38
N ALA A 395 14.38 0.47 24.66
CA ALA A 395 15.65 0.05 25.24
C ALA A 395 16.11 0.97 26.36
N THR A 396 16.09 2.29 26.13
CA THR A 396 16.61 3.18 27.16
C THR A 396 15.62 3.30 28.32
N LEU A 397 14.34 3.55 28.04
CA LEU A 397 13.41 3.75 29.16
C LEU A 397 12.97 2.43 29.76
N GLY A 398 12.76 1.42 28.93
CA GLY A 398 12.29 0.14 29.44
C GLY A 398 13.34 -0.77 30.06
N LEU A 399 14.56 -0.77 29.54
CA LEU A 399 15.59 -1.68 29.99
C LEU A 399 16.79 -0.97 30.60
N GLY A 400 16.77 0.38 30.65
CA GLY A 400 17.86 1.15 31.27
C GLY A 400 19.11 1.23 30.43
N MET A 401 19.02 0.97 29.11
CA MET A 401 20.22 0.97 28.30
C MET A 401 20.78 2.39 28.18
N PRO A 402 22.10 2.56 28.22
CA PRO A 402 22.70 3.88 28.02
C PRO A 402 22.50 4.38 26.60
N ARG A 403 22.46 5.71 26.46
CA ARG A 403 22.49 6.39 25.17
C ARG A 403 23.90 6.83 24.82
N SER A 404 24.10 7.05 23.52
CA SER A 404 25.21 7.84 22.97
C SER A 404 26.49 7.02 22.92
N THR B 4 30.43 -12.05 -27.48
CA THR B 4 29.90 -13.22 -26.79
C THR B 4 28.43 -13.00 -26.37
N LEU B 5 27.81 -14.02 -25.76
CA LEU B 5 26.43 -13.89 -25.32
C LEU B 5 26.28 -12.87 -24.19
N GLY B 6 27.20 -12.90 -23.23
CA GLY B 6 27.15 -11.91 -22.16
C GLY B 6 27.30 -10.50 -22.68
N GLU B 7 28.18 -10.31 -23.67
CA GLU B 7 28.36 -8.98 -24.26
C GLU B 7 27.10 -8.50 -24.96
N GLU B 8 26.39 -9.41 -25.63
CA GLU B 8 25.11 -9.06 -26.23
C GLU B 8 24.08 -8.71 -25.17
N LEU B 9 24.07 -9.46 -24.06
CA LEU B 9 23.14 -9.15 -22.97
C LEU B 9 23.49 -7.82 -22.29
N THR B 10 24.78 -7.50 -22.19
CA THR B 10 25.17 -6.18 -21.72
C THR B 10 24.71 -5.08 -22.67
N GLU B 11 24.98 -5.24 -23.96
CA GLU B 11 24.44 -4.29 -24.93
C GLU B 11 22.93 -4.17 -24.81
N LEU B 12 22.24 -5.31 -24.71
CA LEU B 12 20.78 -5.28 -24.52
C LEU B 12 20.42 -4.41 -23.32
N GLN B 13 21.12 -4.61 -22.22
CA GLN B 13 20.78 -3.91 -20.99
C GLN B 13 20.98 -2.40 -21.11
N GLY B 14 22.10 -1.98 -21.70
CA GLY B 14 22.32 -0.55 -21.86
C GLY B 14 21.29 0.10 -22.75
N LEU B 15 20.90 -0.57 -23.83
CA LEU B 15 19.90 -0.01 -24.73
C LEU B 15 18.56 0.15 -24.01
N ALA B 16 18.11 -0.91 -23.34
CA ALA B 16 16.85 -0.82 -22.60
C ALA B 16 16.92 0.28 -21.54
N ARG B 17 18.05 0.36 -20.86
CA ARG B 17 18.19 1.38 -19.82
C ARG B 17 18.03 2.78 -20.40
N GLN B 18 18.62 3.05 -21.56
CA GLN B 18 18.53 4.39 -22.12
C GLN B 18 17.10 4.69 -22.54
N ILE B 19 16.44 3.72 -23.17
CA ILE B 19 15.08 3.96 -23.64
C ILE B 19 14.14 4.16 -22.45
N PHE B 20 14.27 3.31 -21.43
CA PHE B 20 13.41 3.45 -20.26
C PHE B 20 13.69 4.74 -19.53
N THR B 21 14.97 5.12 -19.43
CA THR B 21 15.35 6.36 -18.77
C THR B 21 14.78 7.58 -19.49
N ASP B 22 14.79 7.56 -20.84
CA ASP B 22 14.23 8.68 -21.60
C ASP B 22 12.71 8.80 -21.46
N HIS B 23 12.00 7.72 -21.17
CA HIS B 23 10.54 7.82 -21.22
C HIS B 23 9.82 7.54 -19.91
N ALA B 24 10.48 6.96 -18.92
CA ALA B 24 9.85 6.69 -17.64
C ALA B 24 10.16 7.81 -16.65
N THR B 25 9.66 8.98 -16.99
CA THR B 25 9.95 10.23 -16.31
C THR B 25 8.77 10.65 -15.44
N HIS B 26 9.03 11.59 -14.53
CA HIS B 26 7.98 12.16 -13.71
C HIS B 26 6.76 12.53 -14.54
N GLN B 27 6.95 13.36 -15.56
CA GLN B 27 5.83 13.79 -16.39
C GLN B 27 5.20 12.61 -17.11
N ARG B 28 6.02 11.76 -17.76
CA ARG B 28 5.42 10.75 -18.64
C ARG B 28 4.71 9.65 -17.84
N LEU B 29 5.25 9.27 -16.67
CA LEU B 29 4.58 8.25 -15.87
C LEU B 29 3.19 8.71 -15.44
N ARG B 30 3.07 9.99 -15.10
CA ARG B 30 1.79 10.54 -14.69
C ARG B 30 0.82 10.58 -15.86
N ALA B 31 1.28 11.03 -17.04
CA ALA B 31 0.45 11.00 -18.25
C ALA B 31 -0.05 9.60 -18.55
N VAL B 32 0.84 8.60 -18.47
CA VAL B 32 0.42 7.26 -18.89
C VAL B 32 -0.50 6.63 -17.83
N GLU B 33 -0.20 6.85 -16.55
CA GLU B 33 -0.98 6.18 -15.52
C GLU B 33 -2.37 6.81 -15.33
N THR B 34 -2.66 7.93 -15.99
CA THR B 34 -4.01 8.50 -16.01
C THR B 34 -4.69 8.37 -17.37
N SER B 35 -4.13 7.60 -18.29
CA SER B 35 -4.73 7.41 -19.61
C SER B 35 -5.73 6.25 -19.54
N GLU B 36 -6.39 5.99 -20.66
CA GLU B 36 -7.38 4.90 -20.72
C GLU B 36 -6.69 3.53 -20.71
N SER B 37 -5.58 3.42 -21.42
CA SER B 37 -4.96 2.13 -21.61
C SER B 37 -3.95 1.80 -20.53
N ARG B 38 -3.43 2.83 -19.84
CA ARG B 38 -2.28 2.69 -18.94
C ARG B 38 -1.06 2.10 -19.65
N ILE B 39 -0.96 2.24 -20.98
CA ILE B 39 0.13 1.67 -21.74
C ILE B 39 0.80 2.79 -22.54
N ASP B 40 2.12 2.84 -22.49
CA ASP B 40 2.84 3.88 -23.22
C ASP B 40 3.14 3.34 -24.60
N GLU B 41 2.38 3.81 -25.59
CA GLU B 41 2.52 3.30 -26.96
C GLU B 41 3.79 3.83 -27.61
N THR B 42 4.26 5.00 -27.15
CA THR B 42 5.50 5.54 -27.68
C THR B 42 6.67 4.67 -27.23
N LEU B 43 6.71 4.36 -25.95
CA LEU B 43 7.72 3.45 -25.42
C LEU B 43 7.68 2.10 -26.14
N TRP B 44 6.48 1.57 -26.39
CA TRP B 44 6.34 0.31 -27.10
C TRP B 44 6.99 0.39 -28.50
N ARG B 45 6.70 1.47 -29.22
CA ARG B 45 7.25 1.60 -30.56
C ARG B 45 8.76 1.79 -30.54
N GLU B 46 9.25 2.53 -29.56
CA GLU B 46 10.69 2.71 -29.41
C GLU B 46 11.40 1.38 -29.14
N LEU B 47 10.83 0.58 -28.22
CA LEU B 47 11.35 -0.76 -27.95
C LEU B 47 11.37 -1.64 -29.19
N ALA B 48 10.26 -1.65 -29.95
CA ALA B 48 10.25 -2.41 -31.20
C ALA B 48 11.36 -1.94 -32.14
N GLY B 49 11.52 -0.63 -32.26
CA GLY B 49 12.46 -0.10 -33.24
C GLY B 49 13.89 -0.39 -32.88
N ALA B 50 14.21 -0.48 -31.59
CA ALA B 50 15.52 -0.88 -31.12
C ALA B 50 15.74 -2.39 -31.17
N GLY B 51 14.72 -3.17 -31.56
CA GLY B 51 14.87 -4.59 -31.66
C GLY B 51 14.70 -5.30 -30.34
N LEU B 52 14.26 -4.57 -29.31
CA LEU B 52 14.17 -5.17 -28.00
C LEU B 52 12.96 -6.07 -27.84
N LEU B 53 11.91 -5.89 -28.65
CA LEU B 53 10.81 -6.88 -28.61
C LEU B 53 11.24 -8.17 -29.29
N GLY B 54 12.20 -8.09 -30.21
CA GLY B 54 12.60 -9.27 -30.94
C GLY B 54 13.75 -10.02 -30.33
N VAL B 55 14.41 -9.43 -29.34
CA VAL B 55 15.68 -9.98 -28.88
C VAL B 55 15.48 -11.39 -28.30
N ALA B 56 14.39 -11.62 -27.57
CA ALA B 56 14.13 -12.95 -26.99
C ALA B 56 13.44 -13.94 -27.94
N LEU B 57 12.98 -13.51 -29.11
CA LEU B 57 12.14 -14.32 -30.01
C LEU B 57 12.98 -14.96 -31.10
N PRO B 58 12.41 -15.92 -31.84
CA PRO B 58 13.22 -16.68 -32.79
C PRO B 58 13.66 -15.85 -33.99
N GLU B 59 14.76 -16.30 -34.60
CA GLU B 59 15.26 -15.64 -35.80
C GLU B 59 14.27 -15.76 -36.96
N ALA B 60 13.64 -16.92 -37.12
CA ALA B 60 12.68 -17.08 -38.22
C ALA B 60 11.56 -16.05 -38.18
N ALA B 61 11.27 -15.45 -37.01
CA ALA B 61 10.29 -14.37 -36.91
C ALA B 61 10.94 -12.99 -36.92
N GLY B 62 12.24 -12.91 -37.20
CA GLY B 62 12.94 -11.64 -37.20
C GLY B 62 13.59 -11.27 -35.89
N GLY B 63 13.52 -12.12 -34.87
CA GLY B 63 14.15 -11.84 -33.59
C GLY B 63 15.63 -12.18 -33.56
N ALA B 64 16.23 -12.01 -32.40
CA ALA B 64 17.64 -12.37 -32.26
C ALA B 64 17.84 -13.80 -31.74
N GLY B 65 16.80 -14.48 -31.30
CA GLY B 65 16.92 -15.84 -30.82
C GLY B 65 17.67 -15.99 -29.50
N LEU B 66 17.58 -15.01 -28.61
CA LEU B 66 18.32 -15.07 -27.35
C LEU B 66 17.48 -15.54 -26.16
N GLY B 67 16.20 -15.86 -26.35
CA GLY B 67 15.47 -16.66 -25.37
C GLY B 67 15.19 -15.99 -24.02
N LEU B 68 14.99 -16.84 -23.02
CA LEU B 68 14.46 -16.38 -21.73
C LEU B 68 15.45 -15.47 -21.03
N GLY B 69 16.76 -15.71 -21.17
CA GLY B 69 17.75 -14.83 -20.56
C GLY B 69 17.65 -13.40 -21.01
N ALA B 70 17.56 -13.18 -22.34
CA ALA B 70 17.40 -11.83 -22.84
C ALA B 70 16.09 -11.22 -22.35
N LEU B 71 15.02 -12.01 -22.34
CA LEU B 71 13.77 -11.50 -21.81
C LEU B 71 13.95 -11.03 -20.37
N CYS B 72 14.63 -11.82 -19.56
CA CYS B 72 14.79 -11.44 -18.15
C CYS B 72 15.65 -10.18 -18.00
N VAL B 73 16.66 -10.00 -18.86
CA VAL B 73 17.47 -8.80 -18.80
C VAL B 73 16.61 -7.59 -19.12
N LEU B 74 15.78 -7.70 -20.16
CA LEU B 74 14.88 -6.60 -20.51
C LEU B 74 13.85 -6.33 -19.40
N LEU B 75 13.26 -7.38 -18.82
CA LEU B 75 12.25 -7.18 -17.78
C LEU B 75 12.85 -6.56 -16.53
N GLU B 76 14.09 -6.95 -16.20
CA GLU B 76 14.72 -6.39 -15.03
C GLU B 76 14.95 -4.88 -15.20
N GLU B 77 15.46 -4.46 -16.37
CA GLU B 77 15.54 -3.02 -16.61
C GLU B 77 14.17 -2.37 -16.59
N GLN B 78 13.15 -3.03 -17.15
CA GLN B 78 11.83 -2.42 -17.10
C GLN B 78 11.39 -2.18 -15.66
N GLY B 79 11.55 -3.18 -14.79
CA GLY B 79 11.16 -2.98 -13.39
C GLY B 79 11.96 -1.90 -12.69
N ARG B 80 13.24 -1.75 -13.05
CA ARG B 80 14.05 -0.68 -12.45
C ARG B 80 13.42 0.70 -12.62
N HIS B 81 12.65 0.88 -13.68
CA HIS B 81 12.04 2.17 -14.05
C HIS B 81 10.52 2.18 -13.97
N VAL B 82 9.90 1.11 -13.43
CA VAL B 82 8.45 0.92 -13.39
C VAL B 82 7.85 1.42 -14.72
N ALA B 83 8.39 0.94 -15.84
CA ALA B 83 8.03 1.53 -17.13
C ALA B 83 6.72 0.92 -17.62
N PRO B 84 5.70 1.74 -17.93
CA PRO B 84 4.36 1.17 -18.20
C PRO B 84 4.18 0.61 -19.61
N VAL B 85 4.71 -0.60 -19.85
CA VAL B 85 4.43 -1.33 -21.11
C VAL B 85 4.25 -2.80 -20.77
N PRO B 86 3.37 -3.49 -21.54
CA PRO B 86 3.06 -4.90 -21.18
C PRO B 86 4.07 -5.89 -21.76
N LEU B 87 5.33 -5.76 -21.33
CA LEU B 87 6.35 -6.64 -21.91
C LEU B 87 6.16 -8.09 -21.46
N TRP B 88 5.93 -8.31 -20.15
CA TRP B 88 5.89 -9.74 -19.83
C TRP B 88 4.64 -10.41 -20.39
N PRO B 89 3.44 -9.79 -20.36
CA PRO B 89 2.29 -10.50 -21.00
C PRO B 89 2.53 -10.78 -22.47
N THR B 90 2.99 -9.80 -23.25
CA THR B 90 3.17 -10.02 -24.68
C THR B 90 4.29 -11.02 -24.95
N LEU B 91 5.45 -10.87 -24.26
CA LEU B 91 6.62 -11.67 -24.64
C LEU B 91 6.60 -13.07 -24.05
N VAL B 92 6.04 -13.26 -22.84
CA VAL B 92 5.78 -14.62 -22.35
C VAL B 92 4.79 -15.33 -23.28
N ALA B 93 3.72 -14.65 -23.69
CA ALA B 93 2.80 -15.28 -24.64
C ALA B 93 3.53 -15.64 -25.92
N ALA B 94 4.42 -14.74 -26.39
CA ALA B 94 5.09 -15.00 -27.66
C ALA B 94 6.07 -16.16 -27.54
N LEU B 95 6.77 -16.26 -26.41
CA LEU B 95 7.65 -17.40 -26.17
C LEU B 95 6.85 -18.70 -26.06
N ALA B 96 5.65 -18.66 -25.47
CA ALA B 96 4.78 -19.84 -25.47
C ALA B 96 4.41 -20.25 -26.89
N ILE B 97 4.12 -19.26 -27.75
CA ILE B 97 3.79 -19.59 -29.14
C ILE B 97 5.01 -20.15 -29.84
N ALA B 98 6.16 -19.53 -29.60
CA ALA B 98 7.36 -19.94 -30.30
C ALA B 98 7.70 -21.38 -29.98
N GLU B 99 7.50 -21.77 -28.72
CA GLU B 99 7.93 -23.09 -28.28
C GLU B 99 6.84 -24.14 -28.33
N HIS B 100 5.57 -23.75 -28.36
CA HIS B 100 4.47 -24.72 -28.28
C HIS B 100 3.37 -24.47 -29.28
N GLY B 101 3.51 -23.46 -30.17
CA GLY B 101 2.46 -23.15 -31.12
C GLY B 101 2.57 -23.96 -32.40
N THR B 102 1.47 -23.96 -33.16
CA THR B 102 1.46 -24.44 -34.54
C THR B 102 2.19 -23.45 -35.44
N ALA B 103 2.46 -23.90 -36.67
CA ALA B 103 2.99 -23.01 -37.69
C ALA B 103 2.10 -21.78 -37.85
N GLU B 104 0.79 -22.00 -37.97
CA GLU B 104 -0.15 -20.87 -38.08
C GLU B 104 0.00 -19.89 -36.92
N GLN B 105 0.13 -20.40 -35.68
CA GLN B 105 0.29 -19.51 -34.54
C GLN B 105 1.63 -18.79 -34.57
N ARG B 106 2.72 -19.48 -34.92
CA ARG B 106 4.03 -18.82 -35.02
C ARG B 106 4.05 -17.73 -36.08
N ASP B 107 3.15 -17.78 -37.06
CA ASP B 107 3.08 -16.68 -38.01
C ASP B 107 2.65 -15.36 -37.37
N LEU B 108 2.16 -15.38 -36.13
CA LEU B 108 1.85 -14.13 -35.45
C LEU B 108 3.09 -13.41 -34.92
N LEU B 109 4.25 -14.09 -34.87
CA LEU B 109 5.40 -13.59 -34.12
C LEU B 109 6.06 -12.41 -34.83
N PRO B 110 6.16 -12.43 -36.16
CA PRO B 110 6.70 -11.24 -36.84
C PRO B 110 6.01 -9.96 -36.41
N GLY B 111 4.68 -9.97 -36.27
CA GLY B 111 4.00 -8.76 -35.83
C GLY B 111 4.34 -8.37 -34.40
N VAL B 112 4.70 -9.34 -33.57
CA VAL B 112 5.16 -8.99 -32.22
C VAL B 112 6.54 -8.35 -32.29
N VAL B 113 7.44 -8.91 -33.09
CA VAL B 113 8.79 -8.39 -33.21
C VAL B 113 8.77 -6.93 -33.65
N ASP B 114 7.94 -6.61 -34.66
CA ASP B 114 7.98 -5.27 -35.23
C ASP B 114 7.07 -4.27 -34.48
N GLY B 115 6.37 -4.70 -33.43
CA GLY B 115 5.59 -3.82 -32.57
C GLY B 115 4.13 -3.63 -32.91
N SER B 116 3.63 -4.18 -34.02
CA SER B 116 2.23 -3.97 -34.41
C SER B 116 1.25 -4.90 -33.71
N ARG B 117 1.71 -5.94 -33.03
CA ARG B 117 0.86 -6.99 -32.48
C ARG B 117 1.24 -7.25 -31.04
N ARG B 118 0.32 -7.00 -30.11
CA ARG B 118 0.55 -7.30 -28.70
C ARG B 118 -0.38 -8.44 -28.28
N LEU B 119 -0.02 -9.04 -27.16
CA LEU B 119 -0.72 -10.20 -26.63
C LEU B 119 -0.88 -9.99 -25.14
N THR B 120 -1.73 -10.81 -24.53
CA THR B 120 -1.66 -10.95 -23.08
C THR B 120 -2.00 -12.39 -22.74
N VAL B 121 -1.87 -12.71 -21.45
CA VAL B 121 -2.15 -14.05 -20.97
C VAL B 121 -3.18 -13.97 -19.85
N ALA B 122 -4.09 -14.92 -19.86
CA ALA B 122 -5.20 -15.03 -18.91
C ALA B 122 -5.01 -16.34 -18.17
N LEU B 123 -4.24 -16.27 -17.08
CA LEU B 123 -3.79 -17.43 -16.33
C LEU B 123 -4.43 -17.48 -14.96
N GLU B 124 -5.24 -16.49 -14.56
CA GLU B 124 -5.78 -16.46 -13.22
C GLU B 124 -7.31 -16.44 -13.21
N GLU B 125 -7.87 -16.88 -12.07
CA GLU B 125 -9.29 -16.96 -11.81
C GLU B 125 -9.62 -16.48 -10.40
N PHE B 126 -10.84 -15.99 -10.19
CA PHE B 126 -11.24 -15.55 -8.87
C PHE B 126 -11.40 -16.74 -7.92
N GLY B 127 -11.07 -16.51 -6.65
CA GLY B 127 -11.34 -17.49 -5.61
C GLY B 127 -10.11 -18.32 -5.33
N VAL B 128 -10.28 -19.63 -5.25
CA VAL B 128 -9.12 -20.50 -5.09
C VAL B 128 -8.11 -20.25 -6.21
N GLY B 129 -8.59 -20.23 -7.46
CA GLY B 129 -7.73 -19.84 -8.57
C GLY B 129 -6.47 -20.65 -8.76
N ASP B 130 -6.56 -21.97 -8.64
CA ASP B 130 -5.39 -22.81 -8.92
C ASP B 130 -4.95 -22.65 -10.37
N VAL B 131 -3.78 -22.03 -10.60
CA VAL B 131 -3.39 -21.67 -11.98
C VAL B 131 -3.11 -22.93 -12.80
N ALA B 132 -2.84 -24.03 -12.13
CA ALA B 132 -2.53 -25.32 -12.74
C ALA B 132 -3.77 -26.16 -13.00
N ALA B 133 -4.94 -25.74 -12.49
CA ALA B 133 -6.19 -26.47 -12.71
C ALA B 133 -7.30 -25.43 -12.94
N PRO B 134 -7.26 -24.75 -14.10
CA PRO B 134 -8.26 -23.72 -14.39
C PRO B 134 -9.68 -24.30 -14.33
N GLY B 135 -10.61 -23.51 -13.76
CA GLY B 135 -12.02 -23.86 -13.86
C GLY B 135 -12.64 -23.55 -15.20
N CYS B 136 -12.08 -22.59 -15.92
CA CYS B 136 -12.49 -22.34 -17.30
C CYS B 136 -12.43 -23.65 -18.08
N THR B 137 -13.47 -23.90 -18.88
CA THR B 137 -13.66 -25.17 -19.57
C THR B 137 -13.33 -25.03 -21.05
N ALA B 138 -12.80 -26.12 -21.63
CA ALA B 138 -12.52 -26.18 -23.08
C ALA B 138 -13.26 -27.38 -23.66
N VAL B 139 -14.11 -27.14 -24.65
CA VAL B 139 -14.92 -28.18 -25.28
C VAL B 139 -14.42 -28.38 -26.72
N PRO B 140 -14.24 -29.63 -27.17
CA PRO B 140 -13.83 -29.87 -28.57
C PRO B 140 -14.90 -29.41 -29.54
N ASP B 141 -14.46 -28.84 -30.66
CA ASP B 141 -15.40 -28.44 -31.71
C ASP B 141 -14.66 -28.57 -33.04
N GLY B 142 -14.88 -29.69 -33.73
CA GLY B 142 -14.05 -30.00 -34.89
C GLY B 142 -12.59 -30.04 -34.49
N ASP B 143 -11.73 -29.47 -35.33
CA ASP B 143 -10.32 -29.31 -34.98
C ASP B 143 -10.05 -28.09 -34.11
N GLY B 144 -11.10 -27.48 -33.54
CA GLY B 144 -10.92 -26.37 -32.63
C GLY B 144 -11.53 -26.63 -31.27
N TRP B 145 -11.76 -25.55 -30.53
CA TRP B 145 -12.26 -25.63 -29.18
C TRP B 145 -13.20 -24.48 -28.93
N ARG B 146 -14.13 -24.68 -27.99
CA ARG B 146 -14.88 -23.56 -27.43
C ARG B 146 -14.69 -23.53 -25.92
N LEU B 147 -14.42 -22.32 -25.41
CA LEU B 147 -14.08 -22.04 -24.02
C LEU B 147 -15.23 -21.31 -23.34
N SER B 148 -15.57 -21.76 -22.14
CA SER B 148 -16.61 -21.13 -21.33
C SER B 148 -16.12 -21.02 -19.89
N GLY B 149 -16.19 -19.81 -19.36
CA GLY B 149 -15.76 -19.56 -18.01
C GLY B 149 -15.47 -18.07 -17.87
N THR B 150 -14.74 -17.74 -16.81
CA THR B 150 -14.30 -16.37 -16.58
C THR B 150 -12.85 -16.41 -16.14
N LYS B 151 -12.09 -15.40 -16.52
CA LYS B 151 -10.71 -15.25 -16.03
C LYS B 151 -10.58 -13.91 -15.33
N ALA B 152 -9.72 -13.86 -14.34
CA ALA B 152 -9.59 -12.68 -13.49
C ALA B 152 -8.44 -11.78 -13.93
N VAL B 153 -8.69 -10.47 -13.92
CA VAL B 153 -7.63 -9.47 -13.95
C VAL B 153 -6.57 -9.82 -14.98
N VAL B 154 -6.98 -9.95 -16.22
CA VAL B 154 -6.06 -10.15 -17.32
C VAL B 154 -5.25 -8.88 -17.54
N PRO B 155 -3.92 -8.94 -17.52
CA PRO B 155 -3.14 -7.70 -17.46
C PRO B 155 -3.10 -7.01 -18.81
N SER B 156 -3.11 -5.67 -18.77
CA SER B 156 -2.78 -4.86 -19.93
C SER B 156 -3.60 -5.28 -21.16
N ILE B 157 -4.90 -5.43 -20.94
CA ILE B 157 -5.81 -5.97 -21.99
C ILE B 157 -5.95 -5.02 -23.17
N THR B 158 -5.76 -3.70 -22.96
CA THR B 158 -6.04 -2.74 -24.02
C THR B 158 -5.02 -2.85 -25.15
N GLY B 159 -5.54 -2.95 -26.38
CA GLY B 159 -4.74 -3.10 -27.57
C GLY B 159 -4.19 -4.49 -27.83
N ALA B 160 -4.43 -5.48 -26.97
CA ALA B 160 -3.96 -6.84 -27.24
C ALA B 160 -4.84 -7.48 -28.32
N ALA B 161 -4.21 -8.03 -29.35
CA ALA B 161 -4.98 -8.63 -30.46
C ALA B 161 -5.37 -10.08 -30.19
N HIS B 162 -4.63 -10.76 -29.32
CA HIS B 162 -4.84 -12.17 -29.01
C HIS B 162 -4.45 -12.40 -27.56
N LEU B 163 -5.07 -13.41 -26.97
CA LEU B 163 -4.85 -13.83 -25.59
C LEU B 163 -4.56 -15.32 -25.55
N LEU B 164 -3.60 -15.72 -24.73
CA LEU B 164 -3.47 -17.12 -24.34
C LEU B 164 -4.27 -17.32 -23.05
N VAL B 165 -5.23 -18.26 -23.10
CA VAL B 165 -6.19 -18.50 -22.02
C VAL B 165 -6.02 -19.93 -21.53
N SER B 166 -5.82 -20.12 -20.22
CA SER B 166 -5.74 -21.46 -19.66
C SER B 166 -7.16 -21.98 -19.37
N ALA B 167 -7.39 -23.25 -19.70
CA ALA B 167 -8.69 -23.92 -19.54
C ALA B 167 -8.49 -25.42 -19.42
N THR B 168 -9.46 -26.09 -18.82
CA THR B 168 -9.42 -27.56 -18.69
C THR B 168 -10.33 -28.20 -19.73
N GLY B 169 -9.73 -29.02 -20.59
CA GLY B 169 -10.47 -29.79 -21.56
C GLY B 169 -10.71 -31.22 -21.09
N PRO B 170 -11.18 -32.09 -21.99
CA PRO B 170 -11.38 -33.50 -21.60
C PRO B 170 -10.10 -34.21 -21.19
N ASP B 171 -8.94 -33.78 -21.68
CA ASP B 171 -7.69 -34.43 -21.32
C ASP B 171 -6.88 -33.62 -20.31
N GLY B 172 -7.49 -32.65 -19.63
CA GLY B 172 -6.83 -31.94 -18.58
C GLY B 172 -6.56 -30.48 -18.92
N PRO B 173 -5.85 -29.78 -18.04
CA PRO B 173 -5.60 -28.35 -18.27
C PRO B 173 -4.79 -28.12 -19.56
N GLY B 174 -5.07 -27.01 -20.24
CA GLY B 174 -4.30 -26.65 -21.41
C GLY B 174 -4.20 -25.15 -21.62
N LEU B 175 -3.54 -24.77 -22.71
CA LEU B 175 -3.40 -23.35 -23.04
C LEU B 175 -3.89 -23.17 -24.48
N PHE B 176 -4.74 -22.15 -24.67
CA PHE B 176 -5.46 -21.95 -25.93
C PHE B 176 -5.34 -20.51 -26.38
N LEU B 177 -5.12 -20.31 -27.68
CA LEU B 177 -5.03 -18.98 -28.27
C LEU B 177 -6.41 -18.48 -28.67
N VAL B 178 -6.71 -17.24 -28.30
CA VAL B 178 -8.01 -16.63 -28.58
C VAL B 178 -7.79 -15.26 -29.22
N ASP B 179 -8.57 -14.96 -30.25
CA ASP B 179 -8.53 -13.61 -30.81
C ASP B 179 -9.34 -12.67 -29.92
N ALA B 180 -8.84 -11.44 -29.76
CA ALA B 180 -9.46 -10.50 -28.84
C ALA B 180 -10.83 -10.04 -29.31
N ASP B 181 -11.15 -10.23 -30.59
CA ASP B 181 -12.46 -9.94 -31.17
C ASP B 181 -13.30 -11.20 -31.38
N ALA B 182 -12.92 -12.31 -30.76
CA ALA B 182 -13.65 -13.57 -30.93
C ALA B 182 -15.11 -13.43 -30.47
N PRO B 183 -16.05 -14.10 -31.13
CA PRO B 183 -17.43 -14.08 -30.64
C PRO B 183 -17.52 -14.77 -29.28
N GLY B 184 -18.43 -14.26 -28.44
CA GLY B 184 -18.57 -14.78 -27.09
C GLY B 184 -17.55 -14.28 -26.08
N LEU B 185 -16.64 -13.39 -26.46
CA LEU B 185 -15.63 -12.91 -25.56
C LEU B 185 -15.99 -11.49 -25.11
N SER B 186 -15.96 -11.23 -23.81
CA SER B 186 -16.16 -9.85 -23.39
C SER B 186 -15.36 -9.59 -22.13
N TRP B 187 -15.07 -8.33 -21.85
CA TRP B 187 -14.43 -8.10 -20.55
C TRP B 187 -14.90 -6.81 -19.91
N GLU B 188 -14.67 -6.74 -18.61
CA GLU B 188 -14.84 -5.52 -17.83
C GLU B 188 -13.47 -4.99 -17.44
N ARG B 189 -13.21 -3.73 -17.78
CA ARG B 189 -11.98 -3.11 -17.34
C ARG B 189 -11.94 -3.01 -15.81
N THR B 190 -10.78 -3.26 -15.22
CA THR B 190 -10.65 -3.18 -13.77
C THR B 190 -9.25 -2.65 -13.44
N GLU B 191 -9.19 -1.61 -12.62
CA GLU B 191 -7.91 -1.01 -12.26
C GLU B 191 -7.26 -1.74 -11.08
N THR B 192 -5.98 -2.09 -11.22
CA THR B 192 -5.28 -2.83 -10.17
C THR B 192 -4.33 -1.93 -9.36
N THR B 193 -3.79 -2.52 -8.30
CA THR B 193 -2.85 -1.84 -7.41
C THR B 193 -1.78 -1.07 -8.18
N SER B 194 -1.14 -1.73 -9.15
CA SER B 194 -0.08 -1.08 -9.92
C SER B 194 -0.57 0.05 -10.82
N ARG B 195 -1.90 0.22 -10.96
CA ARG B 195 -2.52 1.20 -11.89
C ARG B 195 -2.56 0.66 -13.31
N ASP B 196 -2.27 -0.62 -13.54
CA ASP B 196 -2.56 -1.23 -14.83
C ASP B 196 -4.08 -1.21 -15.04
N MET B 197 -4.50 -1.28 -16.28
CA MET B 197 -5.91 -1.48 -16.56
C MET B 197 -6.07 -2.93 -17.06
N ALA B 198 -6.52 -3.81 -16.16
CA ALA B 198 -6.72 -5.23 -16.43
C ALA B 198 -8.14 -5.47 -16.94
N GLY B 199 -8.45 -6.71 -17.31
CA GLY B 199 -9.79 -7.05 -17.76
C GLY B 199 -10.27 -8.31 -17.05
N ASN B 200 -11.47 -8.28 -16.46
CA ASN B 200 -12.13 -9.51 -16.01
C ASN B 200 -12.85 -10.09 -17.23
N LEU B 201 -12.42 -11.26 -17.67
CA LEU B 201 -12.75 -11.81 -18.97
C LEU B 201 -13.92 -12.79 -18.85
N THR B 202 -14.96 -12.60 -19.66
CA THR B 202 -16.05 -13.58 -19.75
C THR B 202 -15.98 -14.28 -21.10
N LEU B 203 -15.99 -15.62 -21.08
CA LEU B 203 -15.93 -16.42 -22.29
C LEU B 203 -17.20 -17.26 -22.40
N ASP B 204 -17.98 -17.03 -23.44
CA ASP B 204 -19.20 -17.81 -23.62
C ASP B 204 -19.01 -18.58 -24.93
N ALA B 205 -18.53 -19.82 -24.80
CA ALA B 205 -18.32 -20.72 -25.94
C ALA B 205 -17.46 -20.05 -27.00
N VAL B 206 -16.33 -19.50 -26.55
CA VAL B 206 -15.47 -18.68 -27.40
C VAL B 206 -14.62 -19.60 -28.28
N PRO B 207 -14.56 -19.38 -29.59
CA PRO B 207 -13.68 -20.20 -30.43
C PRO B 207 -12.22 -20.03 -30.05
N ALA B 208 -11.48 -21.15 -30.04
CA ALA B 208 -10.07 -21.11 -29.66
C ALA B 208 -9.32 -22.24 -30.33
N ARG B 209 -8.00 -22.10 -30.35
CA ARG B 209 -7.10 -23.08 -30.94
C ARG B 209 -6.08 -23.47 -29.88
N ALA B 210 -5.82 -24.76 -29.73
CA ALA B 210 -4.91 -25.21 -28.69
C ALA B 210 -3.45 -24.95 -29.07
N LEU B 211 -2.62 -24.69 -28.06
CA LEU B 211 -1.18 -24.88 -28.15
C LEU B 211 -0.87 -26.34 -27.79
N GLY B 212 0.39 -26.76 -27.99
CA GLY B 212 0.81 -28.10 -27.68
C GLY B 212 0.59 -28.52 -26.23
N PRO B 213 0.67 -29.84 -25.98
CA PRO B 213 0.25 -30.39 -24.69
C PRO B 213 1.04 -29.88 -23.49
N ALA B 214 2.30 -29.52 -23.68
CA ALA B 214 3.11 -29.05 -22.57
C ALA B 214 3.04 -27.53 -22.39
N ALA B 215 2.17 -26.84 -23.12
CA ALA B 215 2.22 -25.37 -23.13
C ALA B 215 1.90 -24.79 -21.77
N LEU B 216 0.92 -25.36 -21.05
CA LEU B 216 0.45 -24.70 -19.81
C LEU B 216 1.51 -24.74 -18.74
N PRO B 217 2.03 -25.90 -18.32
CA PRO B 217 3.04 -25.87 -17.24
C PRO B 217 4.28 -25.12 -17.66
N TRP B 218 4.68 -25.22 -18.95
CA TRP B 218 5.81 -24.45 -19.44
C TRP B 218 5.56 -22.95 -19.30
N THR B 219 4.38 -22.51 -19.74
CA THR B 219 4.11 -21.08 -19.70
C THR B 219 4.06 -20.58 -18.26
N LEU B 220 3.55 -21.39 -17.33
CA LEU B 220 3.51 -20.96 -15.94
C LEU B 220 4.93 -20.82 -15.36
N ASP B 221 5.83 -21.76 -15.67
CA ASP B 221 7.21 -21.62 -15.22
C ASP B 221 7.90 -20.38 -15.80
N VAL B 222 7.72 -20.14 -17.09
CA VAL B 222 8.30 -18.96 -17.72
C VAL B 222 7.71 -17.69 -17.15
N ALA B 223 6.38 -17.65 -16.97
CA ALA B 223 5.74 -16.44 -16.40
C ALA B 223 6.24 -16.16 -14.99
N ARG B 224 6.38 -17.22 -14.17
CA ARG B 224 6.92 -17.05 -12.82
C ARG B 224 8.32 -16.45 -12.88
N THR B 225 9.15 -16.99 -13.78
CA THR B 225 10.52 -16.52 -13.95
C THR B 225 10.53 -15.08 -14.43
N ALA B 226 9.67 -14.76 -15.41
CA ALA B 226 9.60 -13.41 -15.94
C ALA B 226 9.13 -12.41 -14.87
N LEU B 227 8.11 -12.79 -14.09
CA LEU B 227 7.65 -11.91 -13.03
C LEU B 227 8.76 -11.68 -12.03
N ALA B 228 9.52 -12.72 -11.71
CA ALA B 228 10.64 -12.53 -10.80
C ALA B 228 11.68 -11.59 -11.41
N ALA B 229 11.86 -11.61 -12.74
CA ALA B 229 12.81 -10.65 -13.33
C ALA B 229 12.35 -9.20 -13.12
N VAL B 230 11.05 -8.94 -13.34
CA VAL B 230 10.54 -7.58 -13.14
C VAL B 230 10.72 -7.17 -11.68
N GLN B 231 10.39 -8.10 -10.77
CA GLN B 231 10.46 -7.79 -9.36
C GLN B 231 11.89 -7.49 -8.96
N LEU B 232 12.84 -8.26 -9.49
CA LEU B 232 14.23 -7.93 -9.19
C LEU B 232 14.53 -6.48 -9.57
N GLY B 233 14.06 -6.03 -10.75
CA GLY B 233 14.33 -4.66 -11.16
C GLY B 233 13.59 -3.65 -10.29
N VAL B 234 12.33 -3.93 -9.94
CA VAL B 234 11.61 -3.07 -9.03
C VAL B 234 12.38 -2.90 -7.72
N ALA B 235 12.80 -4.02 -7.12
CA ALA B 235 13.44 -3.91 -5.81
C ALA B 235 14.77 -3.17 -5.91
N SER B 236 15.54 -3.45 -6.97
CA SER B 236 16.82 -2.79 -7.18
C SER B 236 16.63 -1.29 -7.34
N GLY B 237 15.67 -0.88 -8.16
CA GLY B 237 15.44 0.54 -8.36
C GLY B 237 14.97 1.21 -7.09
N ALA B 238 14.06 0.54 -6.35
CA ALA B 238 13.58 1.09 -5.08
C ALA B 238 14.75 1.29 -4.12
N LEU B 239 15.60 0.28 -3.97
CA LEU B 239 16.75 0.41 -3.09
C LEU B 239 17.66 1.57 -3.53
N HIS B 240 17.92 1.67 -4.84
CA HIS B 240 18.80 2.73 -5.32
C HIS B 240 18.24 4.11 -4.96
N ILE B 241 16.94 4.33 -5.21
CA ILE B 241 16.34 5.63 -4.93
C ILE B 241 16.42 5.95 -3.44
N THR B 242 16.14 4.93 -2.62
CA THR B 242 16.09 5.10 -1.17
C THR B 242 17.49 5.40 -0.60
N ALA B 243 18.51 4.67 -1.09
CA ALA B 243 19.89 4.93 -0.71
C ALA B 243 20.29 6.38 -1.00
N SER B 244 19.99 6.86 -2.23
CA SER B 244 20.29 8.25 -2.57
C SER B 244 19.56 9.21 -1.65
N TYR B 245 18.27 8.98 -1.43
CA TYR B 245 17.49 9.89 -0.59
C TYR B 245 18.07 9.97 0.84
N LEU B 246 18.45 8.81 1.41
CA LEU B 246 18.94 8.77 2.80
C LEU B 246 20.32 9.43 2.95
N LYS B 247 21.05 9.62 1.86
CA LYS B 247 22.27 10.42 1.93
C LYS B 247 21.95 11.90 2.06
N GLU B 248 20.84 12.34 1.46
CA GLU B 248 20.45 13.75 1.39
C GLU B 248 19.76 14.22 2.66
N ARG B 249 18.81 13.42 3.12
CA ARG B 249 17.92 13.86 4.18
C ARG B 249 18.65 13.78 5.52
N GLU B 250 18.72 14.91 6.26
CA GLU B 250 19.31 14.95 7.58
C GLU B 250 18.25 15.22 8.65
N GLN B 251 18.40 14.54 9.77
CA GLN B 251 17.66 14.76 10.99
C GLN B 251 18.67 14.58 12.12
N PHE B 252 18.45 15.28 13.23
CA PHE B 252 19.37 15.21 14.36
C PHE B 252 20.80 15.60 13.95
N GLY B 253 20.91 16.48 12.94
CA GLY B 253 22.19 16.99 12.53
C GLY B 253 23.04 16.07 11.66
N ARG B 254 22.49 15.00 11.10
CA ARG B 254 23.30 14.11 10.28
C ARG B 254 22.42 13.37 9.28
N PRO B 255 22.99 12.83 8.20
CA PRO B 255 22.20 12.07 7.24
C PRO B 255 21.48 10.89 7.91
N LEU B 256 20.21 10.70 7.54
CA LEU B 256 19.49 9.49 7.96
C LEU B 256 20.33 8.25 7.65
N GLY B 257 21.11 8.31 6.58
CA GLY B 257 21.92 7.19 6.15
C GLY B 257 22.99 6.78 7.13
N THR B 258 23.25 7.61 8.14
CA THR B 258 24.27 7.26 9.13
C THR B 258 23.71 6.49 10.32
N PHE B 259 22.38 6.38 10.46
CA PHE B 259 21.81 5.66 11.60
C PHE B 259 21.97 4.18 11.38
N GLN B 260 22.44 3.47 12.41
CA GLN B 260 22.69 2.03 12.25
C GLN B 260 21.43 1.26 11.83
N ALA B 261 20.27 1.56 12.44
CA ALA B 261 19.06 0.83 12.06
C ALA B 261 18.71 1.08 10.60
N VAL B 262 18.95 2.30 10.11
CA VAL B 262 18.74 2.60 8.69
C VAL B 262 19.70 1.77 7.84
N GLN B 263 20.98 1.75 8.20
CA GLN B 263 21.94 0.95 7.42
C GLN B 263 21.56 -0.51 7.40
N HIS B 264 20.98 -1.02 8.52
CA HIS B 264 20.65 -2.45 8.59
C HIS B 264 19.42 -2.80 7.76
N GLN B 265 18.45 -1.90 7.69
CA GLN B 265 17.30 -2.10 6.82
C GLN B 265 17.75 -2.06 5.37
N LEU B 266 18.64 -1.12 5.02
CA LEU B 266 19.18 -1.10 3.66
C LEU B 266 19.96 -2.37 3.36
N ALA B 267 20.76 -2.86 4.33
CA ALA B 267 21.52 -4.09 4.08
C ALA B 267 20.61 -5.29 3.87
N ASP B 268 19.51 -5.34 4.61
CA ASP B 268 18.63 -6.49 4.44
C ASP B 268 18.02 -6.46 3.04
N CYS B 269 17.69 -5.27 2.53
CA CYS B 269 17.27 -5.14 1.14
C CYS B 269 18.33 -5.66 0.18
N TYR B 270 19.58 -5.20 0.38
CA TYR B 270 20.69 -5.65 -0.45
C TYR B 270 20.82 -7.18 -0.45
N ILE B 271 20.83 -7.78 0.74
CA ILE B 271 20.91 -9.24 0.84
C ILE B 271 19.75 -9.90 0.06
N GLU B 272 18.54 -9.41 0.25
CA GLU B 272 17.39 -10.04 -0.38
C GLU B 272 17.49 -9.93 -1.88
N ILE B 273 17.98 -8.79 -2.36
CA ILE B 273 18.16 -8.58 -3.80
C ILE B 273 19.21 -9.52 -4.34
N GLU B 274 20.32 -9.71 -3.62
CA GLU B 274 21.32 -10.67 -4.11
C GLU B 274 20.74 -12.09 -4.18
N ALA B 275 19.94 -12.46 -3.19
CA ALA B 275 19.31 -13.78 -3.18
C ALA B 275 18.32 -13.93 -4.34
N MET B 276 17.46 -12.91 -4.52
CA MET B 276 16.53 -12.87 -5.64
C MET B 276 17.25 -13.10 -6.95
N ARG B 277 18.37 -12.40 -7.13
CA ARG B 277 19.10 -12.41 -8.38
C ARG B 277 19.74 -13.78 -8.66
N VAL B 278 20.38 -14.40 -7.68
CA VAL B 278 20.96 -15.69 -8.08
C VAL B 278 19.88 -16.74 -8.29
N CYS B 279 18.75 -16.66 -7.58
CA CYS B 279 17.73 -17.66 -7.84
C CYS B 279 17.03 -17.40 -9.17
N LEU B 280 16.86 -16.15 -9.54
CA LEU B 280 16.35 -15.85 -10.91
C LEU B 280 17.22 -16.53 -11.96
N TRP B 281 18.52 -16.35 -11.87
CA TRP B 281 19.36 -16.86 -12.96
C TRP B 281 19.44 -18.37 -12.90
N GLN B 282 19.27 -18.96 -11.72
CA GLN B 282 19.16 -20.42 -11.66
C GLN B 282 17.91 -20.90 -12.38
N ALA B 283 16.78 -20.18 -12.22
CA ALA B 283 15.56 -20.57 -12.93
C ALA B 283 15.77 -20.47 -14.43
N VAL B 284 16.43 -19.40 -14.89
CA VAL B 284 16.69 -19.24 -16.33
C VAL B 284 17.58 -20.38 -16.81
N CYS B 285 18.70 -20.61 -16.11
CA CYS B 285 19.60 -21.67 -16.52
CA CYS B 285 19.60 -21.67 -16.55
C CYS B 285 18.90 -23.03 -16.53
N ALA B 286 18.03 -23.27 -15.54
CA ALA B 286 17.30 -24.55 -15.51
C ALA B 286 16.35 -24.68 -16.70
N ALA B 287 15.67 -23.61 -17.06
CA ALA B 287 14.78 -23.69 -18.20
C ALA B 287 15.56 -23.95 -19.49
N GLU B 288 16.71 -23.27 -19.66
CA GLU B 288 17.51 -23.47 -20.87
C GLU B 288 18.15 -24.86 -20.91
N ASP B 289 18.40 -25.46 -19.73
CA ASP B 289 18.92 -26.82 -19.62
C ASP B 289 17.81 -27.87 -19.63
N GLY B 290 16.58 -27.49 -19.97
CA GLY B 290 15.49 -28.44 -20.12
C GLY B 290 14.91 -29.01 -18.84
N ALA B 291 15.10 -28.38 -17.68
CA ALA B 291 14.41 -28.85 -16.49
C ALA B 291 12.90 -28.65 -16.64
N THR B 292 12.13 -29.60 -16.12
CA THR B 292 10.68 -29.52 -16.16
C THR B 292 10.04 -29.77 -14.80
N ASP B 293 10.81 -29.75 -13.72
CA ASP B 293 10.19 -30.10 -12.46
C ASP B 293 9.51 -28.90 -11.82
N GLY B 294 9.82 -27.68 -12.26
CA GLY B 294 9.21 -26.48 -11.76
C GLY B 294 9.79 -25.92 -10.47
N LYS B 295 10.70 -26.63 -9.79
CA LYS B 295 11.16 -26.14 -8.49
C LYS B 295 11.94 -24.82 -8.64
N ALA B 296 12.83 -24.73 -9.62
CA ALA B 296 13.69 -23.55 -9.66
C ALA B 296 12.86 -22.29 -9.92
N ALA B 297 11.85 -22.38 -10.78
CA ALA B 297 11.00 -21.23 -11.07
C ALA B 297 10.21 -20.79 -9.85
N LEU B 298 9.70 -21.75 -9.05
CA LEU B 298 8.99 -21.43 -7.83
C LEU B 298 9.89 -20.81 -6.78
N VAL B 299 11.15 -21.25 -6.70
CA VAL B 299 12.10 -20.63 -5.79
C VAL B 299 12.35 -19.18 -6.22
N ALA B 300 12.58 -18.96 -7.52
CA ALA B 300 12.77 -17.57 -7.95
C ALA B 300 11.53 -16.76 -7.62
N LYS B 301 10.35 -17.31 -7.88
CA LYS B 301 9.10 -16.58 -7.64
C LYS B 301 8.85 -16.34 -6.16
N TRP B 302 9.17 -17.31 -5.29
CA TRP B 302 8.99 -17.07 -3.87
C TRP B 302 9.88 -15.93 -3.38
N TRP B 303 11.15 -15.93 -3.82
CA TRP B 303 12.06 -14.81 -3.46
C TRP B 303 11.47 -13.48 -3.93
N ALA B 304 10.91 -13.45 -5.15
CA ALA B 304 10.22 -12.25 -5.65
C ALA B 304 9.06 -11.88 -4.73
N ASP B 305 8.25 -12.88 -4.35
CA ASP B 305 7.02 -12.63 -3.60
C ASP B 305 7.33 -12.17 -2.19
N GLU B 306 8.38 -12.72 -1.59
CA GLU B 306 8.65 -12.45 -0.18
C GLU B 306 9.76 -11.43 -0.02
N GLY B 307 10.92 -11.71 -0.59
CA GLY B 307 12.00 -10.73 -0.57
C GLY B 307 11.64 -9.43 -1.28
N GLY B 308 11.08 -9.53 -2.50
CA GLY B 308 10.74 -8.31 -3.23
C GLY B 308 9.72 -7.45 -2.49
N LEU B 309 8.72 -8.09 -1.89
CA LEU B 309 7.74 -7.36 -1.12
C LEU B 309 8.37 -6.76 0.13
N ASN B 310 9.26 -7.50 0.81
CA ASN B 310 9.96 -6.90 1.95
C ASN B 310 10.71 -5.65 1.52
N VAL B 311 11.46 -5.72 0.43
CA VAL B 311 12.25 -4.55 0.01
C VAL B 311 11.36 -3.33 -0.13
N VAL B 312 10.26 -3.44 -0.91
CA VAL B 312 9.47 -2.22 -1.17
C VAL B 312 8.71 -1.75 0.08
N HIS B 313 8.39 -2.63 1.04
CA HIS B 313 7.91 -2.12 2.33
C HIS B 313 9.01 -1.36 3.09
N ARG B 314 10.24 -1.89 3.08
CA ARG B 314 11.30 -1.16 3.79
C ARG B 314 11.56 0.18 3.12
N THR B 315 11.55 0.24 1.79
CA THR B 315 11.89 1.51 1.15
C THR B 315 10.75 2.52 1.32
N GLN B 316 9.50 2.07 1.50
CA GLN B 316 8.46 3.02 1.92
C GLN B 316 8.76 3.56 3.31
N HIS B 317 9.00 2.67 4.26
CA HIS B 317 9.16 3.11 5.62
C HIS B 317 10.32 4.10 5.75
N LEU B 318 11.47 3.78 5.12
CA LEU B 318 12.69 4.60 5.24
C LEU B 318 12.51 6.03 4.68
N HIS B 319 11.51 6.24 3.80
CA HIS B 319 11.25 7.57 3.28
C HIS B 319 10.41 8.43 4.21
N GLY B 320 9.66 7.83 5.13
CA GLY B 320 8.80 8.72 5.93
C GLY B 320 7.73 9.33 5.01
N GLY B 321 7.21 10.51 5.41
CA GLY B 321 6.02 11.03 4.75
C GLY B 321 6.17 11.22 3.26
N ILE B 322 7.32 11.73 2.79
CA ILE B 322 7.46 12.00 1.36
C ILE B 322 7.28 10.72 0.54
N GLY B 323 7.52 9.56 1.13
CA GLY B 323 7.36 8.33 0.38
C GLY B 323 5.92 8.03 -0.03
N VAL B 324 4.94 8.62 0.66
CA VAL B 324 3.57 8.39 0.20
C VAL B 324 3.10 9.50 -0.72
N ASP B 325 3.91 10.53 -0.96
CA ASP B 325 3.49 11.58 -1.89
C ASP B 325 3.48 11.03 -3.29
N VAL B 326 2.34 11.11 -3.99
CA VAL B 326 2.28 10.57 -5.35
C VAL B 326 3.10 11.40 -6.33
N ASP B 327 3.60 12.56 -5.93
CA ASP B 327 4.48 13.31 -6.81
C ASP B 327 5.95 12.95 -6.64
N TYR B 328 6.25 11.98 -5.79
CA TYR B 328 7.59 11.50 -5.52
C TYR B 328 7.66 10.04 -6.01
N PRO B 329 8.83 9.52 -6.45
CA PRO B 329 8.78 8.30 -7.27
C PRO B 329 8.54 7.00 -6.52
N ILE B 330 8.92 6.93 -5.24
CA ILE B 330 9.11 5.60 -4.65
C ILE B 330 7.78 4.85 -4.56
N HIS B 331 6.65 5.56 -4.39
CA HIS B 331 5.38 4.85 -4.18
C HIS B 331 5.03 3.92 -5.35
N ARG B 332 5.53 4.20 -6.57
CA ARG B 332 5.24 3.31 -7.68
C ARG B 332 5.94 1.97 -7.52
N TYR B 333 7.15 1.97 -6.96
CA TYR B 333 7.85 0.71 -6.69
C TYR B 333 7.08 -0.12 -5.67
N PHE B 334 6.52 0.56 -4.65
CA PHE B 334 5.63 -0.14 -3.71
C PHE B 334 4.45 -0.77 -4.45
N LEU B 335 3.78 -0.01 -5.31
CA LEU B 335 2.59 -0.52 -6.00
C LEU B 335 2.95 -1.70 -6.92
N TRP B 336 4.00 -1.56 -7.72
CA TRP B 336 4.47 -2.67 -8.57
C TRP B 336 4.90 -3.88 -7.74
N GLY B 337 5.72 -3.65 -6.71
CA GLY B 337 6.22 -4.77 -5.92
C GLY B 337 5.08 -5.55 -5.30
N LYS B 338 4.13 -4.83 -4.71
CA LYS B 338 2.97 -5.41 -4.06
C LYS B 338 2.14 -6.22 -5.06
N GLN B 339 1.84 -5.65 -6.22
CA GLN B 339 1.05 -6.39 -7.20
C GLN B 339 1.79 -7.65 -7.68
N ILE B 340 3.08 -7.49 -8.01
CA ILE B 340 3.81 -8.61 -8.57
C ILE B 340 3.87 -9.76 -7.56
N SER B 341 4.00 -9.42 -6.27
CA SER B 341 4.18 -10.45 -5.23
C SER B 341 2.94 -11.32 -5.05
N GLY B 342 1.83 -10.95 -5.67
CA GLY B 342 0.62 -11.78 -5.65
C GLY B 342 0.23 -12.36 -7.02
N THR B 343 1.01 -12.07 -8.06
CA THR B 343 0.59 -12.44 -9.42
C THR B 343 0.94 -13.90 -9.64
N LEU B 344 -0.08 -14.67 -10.04
CA LEU B 344 -0.09 -16.12 -10.06
C LEU B 344 -0.12 -16.71 -8.67
N GLY B 345 -0.48 -15.92 -7.65
CA GLY B 345 -0.39 -16.41 -6.29
C GLY B 345 0.72 -15.72 -5.50
N GLY B 346 0.53 -15.67 -4.18
CA GLY B 346 1.46 -15.00 -3.28
C GLY B 346 2.46 -15.98 -2.65
N ALA B 347 3.22 -15.46 -1.67
CA ALA B 347 4.32 -16.22 -1.08
C ALA B 347 3.84 -17.52 -0.43
N SER B 348 2.75 -17.46 0.35
CA SER B 348 2.28 -18.69 1.02
C SER B 348 1.84 -19.77 0.03
N ALA B 349 1.10 -19.36 -1.03
CA ALA B 349 0.71 -20.31 -2.05
C ALA B 349 1.94 -20.93 -2.69
N ASP B 350 2.94 -20.10 -2.99
CA ASP B 350 4.10 -20.65 -3.68
C ASP B 350 4.86 -21.64 -2.80
N LEU B 351 4.94 -21.39 -1.50
CA LEU B 351 5.54 -22.39 -0.62
C LEU B 351 4.74 -23.67 -0.61
N GLN B 352 3.40 -23.57 -0.62
CA GLN B 352 2.62 -24.80 -0.63
C GLN B 352 2.88 -25.62 -1.90
N ARG B 353 2.86 -24.97 -3.07
CA ARG B 353 3.11 -25.64 -4.32
C ARG B 353 4.52 -26.23 -4.34
N LEU B 354 5.52 -25.45 -3.92
CA LEU B 354 6.88 -25.95 -3.88
C LEU B 354 6.99 -27.14 -2.92
N GLY B 355 6.35 -27.06 -1.76
CA GLY B 355 6.41 -28.18 -0.84
C GLY B 355 5.80 -29.47 -1.37
N ASP B 356 4.76 -29.36 -2.22
CA ASP B 356 4.17 -30.55 -2.84
C ASP B 356 5.14 -31.15 -3.85
N LEU B 357 5.85 -30.30 -4.62
CA LEU B 357 6.85 -30.79 -5.57
C LEU B 357 8.00 -31.50 -4.87
N ILE B 358 8.49 -30.91 -3.78
CA ILE B 358 9.54 -31.54 -2.99
C ILE B 358 9.07 -32.90 -2.48
N ALA B 359 7.88 -32.94 -1.85
CA ALA B 359 7.37 -34.19 -1.31
C ALA B 359 7.21 -35.21 -2.44
N GLU B 360 6.64 -34.78 -3.57
CA GLU B 360 6.45 -35.72 -4.66
C GLU B 360 7.79 -36.22 -5.18
N GLY B 361 8.80 -35.36 -5.26
CA GLY B 361 10.08 -35.80 -5.82
C GLY B 361 10.79 -36.77 -4.89
N ALA B 362 10.68 -36.53 -3.59
CA ALA B 362 11.24 -37.46 -2.59
C ALA B 362 10.55 -38.82 -2.60
N ALA B 363 9.26 -38.87 -2.94
CA ALA B 363 8.54 -40.12 -3.01
C ALA B 363 8.62 -40.75 -4.39
N SER B 364 9.59 -40.33 -5.21
CA SER B 364 9.78 -40.90 -6.53
C SER B 364 10.67 -42.12 -6.44
PA FDA C . 12.05 11.56 8.43
O1A FDA C . 12.80 11.99 7.21
O2A FDA C . 12.29 12.28 9.77
O5B FDA C . 12.50 9.97 8.79
C5B FDA C . 12.24 9.19 7.65
C4B FDA C . 12.58 7.73 8.03
O4B FDA C . 13.97 7.77 8.59
C3B FDA C . 11.76 7.22 9.23
O3B FDA C . 10.58 6.62 8.85
C2B FDA C . 12.69 6.15 9.77
O2B FDA C . 12.78 4.94 8.92
C1B FDA C . 14.11 6.80 9.67
N9A FDA C . 14.57 7.44 10.90
C8A FDA C . 14.35 8.74 11.36
N7A FDA C . 14.98 9.01 12.50
C5A FDA C . 15.65 7.84 12.79
C6A FDA C . 16.47 7.50 13.90
N6A FDA C . 16.73 8.39 14.87
N1A FDA C . 17.01 6.28 13.98
C2A FDA C . 16.69 5.43 12.96
N3A FDA C . 15.92 5.61 11.86
C4A FDA C . 15.42 6.85 11.81
N1 FDA C . 2.42 15.67 10.82
C2 FDA C . 1.81 16.77 11.45
O2 FDA C . 2.50 17.66 11.98
N3 FDA C . 0.41 16.79 11.43
C4 FDA C . -0.40 15.81 10.83
O4 FDA C . -1.62 15.93 10.85
C4X FDA C . 0.31 14.71 10.21
N5 FDA C . -0.42 13.70 9.59
C5X FDA C . 0.19 12.97 8.62
C6 FDA C . -0.51 12.27 7.71
C7 FDA C . 0.17 11.54 6.71
C7M FDA C . -0.61 10.82 5.77
C8 FDA C . 1.51 11.49 6.64
C8M FDA C . 2.23 10.72 5.61
C9 FDA C . 2.25 12.17 7.59
C9A FDA C . 1.59 12.92 8.57
N10 FDA C . 2.32 13.62 9.55
C10 FDA C . 1.66 14.66 10.20
C1' FDA C . 3.80 13.67 9.44
C2' FDA C . 4.49 12.59 10.31
O2' FDA C . 4.40 12.90 11.61
C3' FDA C . 5.99 12.57 9.76
O3' FDA C . 6.05 12.02 8.46
C4' FDA C . 6.91 11.82 10.72
O4' FDA C . 7.02 12.60 11.86
C5' FDA C . 8.24 11.52 9.99
O5' FDA C . 8.84 12.75 9.69
P FDA C . 9.46 12.68 8.17
O1P FDA C . 8.33 12.34 7.32
O2P FDA C . 10.22 13.98 7.95
O3P FDA C . 10.51 11.40 8.07
H51A FDA C . 12.78 9.49 6.90
H52A FDA C . 11.31 9.28 7.39
H4B FDA C . 12.43 7.20 7.23
H3B FDA C . 11.60 7.98 9.82
HO3A FDA C . 10.70 6.32 8.07
H2B FDA C . 12.43 5.97 10.69
HO2A FDA C . 13.41 4.45 9.24
H1B FDA C . 14.80 6.15 9.45
H8A FDA C . 13.80 9.34 10.89
H61A FDA C . 17.26 8.17 15.51
H62A FDA C . 16.38 9.16 14.85
H2A FDA C . 17.07 4.58 13.04
HN1 FDA C . 3.27 15.62 10.84
HN3 FDA C . 0.04 17.46 11.81
HN5 FDA C . -1.23 13.57 9.84
H6 FDA C . -1.44 12.27 7.75
HM71 FDA C . -0.31 11.00 4.87
HM72 FDA C . -1.54 11.09 5.83
HM73 FDA C . -0.56 9.87 5.93
HM81 FDA C . 1.99 9.78 5.65
HM82 FDA C . 3.19 10.80 5.72
HM83 FDA C . 2.00 11.04 4.71
H9 FDA C . 3.17 12.14 7.58
H1'1 FDA C . 4.04 13.58 8.50
H1'2 FDA C . 4.10 14.56 9.69
H2' FDA C . 4.07 11.72 10.24
HO2' FDA C . 4.14 13.71 11.66
H3' FDA C . 6.28 13.49 9.69
HO3' FDA C . 5.26 11.88 8.20
H4' FDA C . 6.54 10.96 10.98
HO4' FDA C . 6.33 13.11 11.89
H5'1 FDA C . 8.10 11.01 9.19
H5'2 FDA C . 8.83 10.99 10.56
OH2 1PE D . -13.43 -5.93 17.59
C12 1PE D . -14.19 -6.97 16.99
C22 1PE D . -14.29 -8.23 17.87
OH3 1PE D . -14.19 -9.41 17.11
C13 1PE D . -13.15 -11.59 16.71
C23 1PE D . -13.39 -10.42 17.68
OH4 1PE D . -11.95 -11.46 15.99
C14 1PE D . -9.61 -11.42 16.40
C24 1PE D . -10.90 -12.21 16.51
OH5 1PE D . -8.57 -12.04 17.11
C15 1PE D . -8.64 -12.82 19.34
C25 1PE D . -8.46 -11.62 18.44
OH6 1PE D . -8.28 -12.50 20.66
C16 1PE D . -8.91 -11.69 22.86
C26 1PE D . -9.37 -12.17 21.47
OH7 1PE D . -9.46 -10.42 23.15
HO2 1PE D . -13.95 -5.41 18.02
H121 1PE D . -15.09 -6.63 16.83
H122 1PE D . -13.78 -7.22 16.15
H221 1PE D . -13.57 -8.21 18.52
H222 1PE D . -15.14 -8.22 18.34
H131 1PE D . -13.12 -12.41 17.23
H132 1PE D . -13.88 -11.63 16.08
H231 1PE D . -12.53 -10.03 17.92
H232 1PE D . -13.83 -10.75 18.47
H141 1PE D . -9.75 -10.53 16.76
H142 1PE D . -9.35 -11.35 15.47
H241 1PE D . -11.08 -12.42 17.44
H242 1PE D . -10.82 -13.04 16.00
H151 1PE D . -9.57 -13.11 19.32
H152 1PE D . -8.07 -13.54 19.03
H251 1PE D . -7.59 -11.23 18.58
H252 1PE D . -9.15 -10.96 18.63
H161 1PE D . -9.19 -12.32 23.53
H162 1PE D . -7.94 -11.62 22.86
H261 1PE D . -9.87 -11.45 21.05
H262 1PE D . -9.93 -12.94 21.59
HO7 1PE D . -10.07 -10.50 23.73
C1 GOL E . 8.30 -1.86 7.41
O1 GOL E . 7.17 -2.63 6.95
C2 GOL E . 7.95 -1.43 8.86
O2 GOL E . 6.88 -0.53 8.88
C3 GOL E . 9.17 -0.73 9.54
O3 GOL E . 8.82 -0.38 10.93
H11 GOL E . 8.47 -1.07 6.87
H12 GOL E . 9.12 -2.37 7.42
HO1 GOL E . 7.44 -3.42 6.84
H2 GOL E . 7.72 -2.26 9.33
HO2 GOL E . 6.19 -0.92 8.63
H31 GOL E . 9.40 0.05 9.01
H32 GOL E . 9.93 -1.31 9.47
HO3 GOL E . 9.55 -0.11 11.29
C1 GOL F . 18.54 24.84 19.07
O1 GOL F . 19.30 25.78 19.76
C2 GOL F . 17.52 25.58 18.15
O2 GOL F . 16.78 26.47 18.86
C3 GOL F . 16.74 24.41 17.52
O3 GOL F . 16.36 24.80 16.22
H11 GOL F . 18.05 24.26 19.67
H12 GOL F . 19.08 24.25 18.52
HO1 GOL F . 18.77 26.19 20.28
H2 GOL F . 17.94 26.13 17.46
HO2 GOL F . 16.68 27.16 18.35
H31 GOL F . 17.30 23.62 17.53
H32 GOL F . 15.99 24.20 18.09
HO3 GOL F . 16.88 24.39 15.67
C1 GOL G . 1.36 14.26 14.16
O1 GOL G . -0.06 14.17 14.00
C2 GOL G . 1.88 12.81 14.23
O2 GOL G . 3.22 12.77 14.63
C3 GOL G . 1.74 12.18 12.79
O3 GOL G . 0.37 11.90 12.57
H11 GOL G . 1.78 14.73 13.43
H12 GOL G . 1.61 14.74 14.97
HO1 GOL G . -0.41 14.57 14.67
H2 GOL G . 1.35 12.32 14.87
HO2 GOL G . 3.40 13.51 15.03
H31 GOL G . 2.31 11.40 12.74
H32 GOL G . 2.12 12.80 12.14
HO3 GOL G . 0.30 11.62 11.77
C1 GOL H . 6.99 13.40 15.21
O1 GOL H . 5.68 13.66 15.46
C2 GOL H . 7.45 12.26 16.10
O2 GOL H . 7.27 12.50 17.41
C3 GOL H . 8.92 12.18 15.71
O3 GOL H . 9.65 11.88 16.86
H11 GOL H . 7.15 13.16 14.29
H12 GOL H . 7.56 14.17 15.38
HO1 GOL H . 5.33 12.91 15.66
H2 GOL H . 6.96 11.45 15.95
HO2 GOL H . 7.03 11.75 17.75
H31 GOL H . 9.02 11.51 15.01
H32 GOL H . 9.19 13.01 15.31
HO3 GOL H . 10.33 11.40 16.60
C1 GOL I . 1.80 -14.50 5.22
O1 GOL I . 2.11 -15.22 6.43
C2 GOL I . 3.01 -13.62 4.78
O2 GOL I . 3.74 -14.18 3.76
C3 GOL I . 2.35 -12.30 4.29
O3 GOL I . 3.29 -11.56 3.52
H11 GOL I . 1.60 -15.11 4.50
H12 GOL I . 1.03 -13.94 5.34
HO1 GOL I . 1.54 -14.99 7.02
H2 GOL I . 3.61 -13.48 5.53
HO2 GOL I . 3.33 -14.02 3.04
H31 GOL I . 1.55 -12.52 3.79
H32 GOL I . 2.04 -11.81 5.07
HO3 GOL I . 2.89 -10.88 3.21
C1 GOL J . -3.67 -23.29 -3.54
O1 GOL J . -3.79 -21.90 -3.96
C2 GOL J . -2.75 -24.09 -4.51
O2 GOL J . -3.30 -24.07 -5.79
C3 GOL J . -2.66 -25.56 -3.97
O3 GOL J . -1.30 -26.03 -4.04
H11 GOL J . -4.53 -23.72 -3.51
H12 GOL J . -3.29 -23.36 -2.65
HO1 GOL J . -3.01 -21.57 -3.98
H2 GOL J . -1.87 -23.70 -4.52
HO2 GOL J . -3.91 -24.69 -5.82
H31 GOL J . -3.02 -25.58 -3.07
H32 GOL J . -3.27 -26.11 -4.50
HO3 GOL J . -1.01 -26.03 -3.24
C1 GOL K . -15.88 -4.65 8.42
O1 GOL K . -17.22 -4.95 8.12
C2 GOL K . -15.46 -3.41 7.55
O2 GOL K . -16.53 -2.87 6.86
C3 GOL K . -14.83 -2.44 8.58
O3 GOL K . -14.02 -1.54 7.87
H11 GOL K . -15.27 -5.38 8.23
H12 GOL K . -15.75 -4.43 9.36
HO1 GOL K . -17.40 -5.69 8.50
H2 GOL K . -14.82 -3.64 6.86
HO2 GOL K . -16.75 -3.45 6.28
H31 GOL K . -15.54 -2.01 9.08
H32 GOL K . -14.34 -2.96 9.23
HO3 GOL K . -13.98 -0.85 8.35
C1 GOL L . -10.01 3.80 3.82
O1 GOL L . -10.09 4.44 5.01
C2 GOL L . -11.25 2.91 3.60
O2 GOL L . -12.33 3.61 3.16
C3 GOL L . -10.66 1.88 2.61
O3 GOL L . -11.55 1.71 1.57
H11 GOL L . -9.95 4.43 3.08
H12 GOL L . -9.22 3.25 3.76
HO1 GOL L . -10.23 3.86 5.58
H2 GOL L . -11.61 2.49 4.40
HO2 GOL L . -12.92 3.54 3.79
H31 GOL L . -9.79 2.19 2.32
H32 GOL L . -10.47 1.05 3.09
HO3 GOL L . -11.13 1.36 0.92
CL CL M . -10.38 15.82 13.78
C1 GOL N . 17.91 -10.58 5.58
O1 GOL N . 16.60 -10.31 5.18
C2 GOL N . 17.84 -11.71 6.66
O2 GOL N . 16.63 -12.41 6.62
C3 GOL N . 19.12 -12.53 6.35
O3 GOL N . 19.15 -13.56 7.24
H11 GOL N . 18.47 -10.87 4.84
H12 GOL N . 18.36 -9.80 5.94
HO1 GOL N . 16.39 -9.58 5.55
H2 GOL N . 17.85 -11.36 7.57
HO2 GOL N . 16.82 -13.22 6.49
H31 GOL N . 19.09 -12.81 5.42
H32 GOL N . 19.90 -11.95 6.41
HO3 GOL N . 19.96 -13.70 7.43
C1 GOL O . 13.69 -12.53 5.22
O1 GOL O . 14.18 -11.69 4.17
C2 GOL O . 13.42 -13.91 4.57
O2 GOL O . 12.20 -13.90 3.83
C3 GOL O . 14.62 -14.14 3.65
O3 GOL O . 15.81 -14.13 4.41
H11 GOL O . 14.33 -12.65 5.94
H12 GOL O . 12.88 -12.20 5.63
HO1 GOL O . 14.81 -11.23 4.51
H2 GOL O . 13.33 -14.61 5.23
HO2 GOL O . 12.24 -14.51 3.23
H31 GOL O . 14.49 -14.96 3.17
H32 GOL O . 14.62 -13.44 2.97
HO3 GOL O . 16.46 -14.20 3.87
C1 GOL P . 9.70 -6.02 6.90
O1 GOL P . 9.37 -5.54 5.61
C2 GOL P . 10.01 -7.53 6.82
O2 GOL P . 10.84 -7.92 7.87
C3 GOL P . 8.62 -8.23 6.84
O3 GOL P . 8.80 -9.65 6.67
H11 GOL P . 8.98 -5.88 7.54
H12 GOL P . 10.47 -5.56 7.27
HO1 GOL P . 8.82 -4.89 5.72
H2 GOL P . 10.49 -7.77 6.01
HO2 GOL P . 11.51 -7.39 7.88
H31 GOL P . 8.07 -7.84 6.14
H32 GOL P . 8.19 -8.01 7.67
HO3 GOL P . 8.09 -9.94 6.30
C1 GOL Q . 2.07 -4.08 -14.46
O1 GOL Q . 1.43 -3.13 -13.71
C2 GOL Q . 3.25 -4.63 -13.65
O2 GOL Q . 3.01 -4.62 -12.31
C3 GOL Q . 3.42 -6.07 -14.23
O3 GOL Q . 2.49 -6.96 -13.59
H11 GOL Q . 1.49 -4.82 -14.70
H12 GOL Q . 2.41 -3.73 -15.30
HO1 GOL Q . 0.84 -3.54 -13.26
H2 GOL Q . 4.05 -4.10 -13.76
HO2 GOL Q . 2.69 -5.37 -12.09
H31 GOL Q . 3.29 -6.02 -15.19
H32 GOL Q . 4.34 -6.34 -14.10
HO3 GOL Q . 2.92 -7.65 -13.33
C1 GOL R . 0.76 -11.32 -1.80
O1 GOL R . 0.65 -9.95 -2.05
C2 GOL R . 1.54 -11.49 -0.48
O2 GOL R . 1.24 -12.66 0.18
C3 GOL R . 3.05 -11.45 -0.86
O3 GOL R . 3.40 -12.69 -1.38
H11 GOL R . -0.11 -11.76 -1.72
H12 GOL R . 1.23 -11.80 -2.51
HO1 GOL R . 0.47 -9.57 -1.30
H2 GOL R . 1.30 -10.76 0.12
HO2 GOL R . 1.94 -13.15 0.20
H31 GOL R . 3.18 -10.72 -1.49
H32 GOL R . 3.55 -11.19 -0.08
HO3 GOL R . 4.22 -12.82 -1.20
CL CL S . -12.80 1.33 -14.05
#